data_8QHM
# 
_entry.id   8QHM 
# 
_audit_conform.dict_name       mmcif_pdbx.dic 
_audit_conform.dict_version    5.396 
_audit_conform.dict_location   http://mmcif.pdb.org/dictionaries/ascii/mmcif_pdbx.dic 
# 
loop_
_database_2.database_id 
_database_2.database_code 
_database_2.pdbx_database_accession 
_database_2.pdbx_DOI 
PDB   8QHM         pdb_00008qhm 10.2210/pdb8qhm/pdb 
WWPDB D_1292133159 ?            ?                   
# 
loop_
_pdbx_audit_revision_history.ordinal 
_pdbx_audit_revision_history.data_content_type 
_pdbx_audit_revision_history.major_revision 
_pdbx_audit_revision_history.minor_revision 
_pdbx_audit_revision_history.revision_date 
1 'Structure model' 1 0 2023-10-11 
2 'Structure model' 2 0 2023-11-15 
3 'Structure model' 2 1 2024-04-24 
4 'Structure model' 2 2 2024-09-04 
# 
_pdbx_audit_revision_details.ordinal             1 
_pdbx_audit_revision_details.revision_ordinal    1 
_pdbx_audit_revision_details.data_content_type   'Structure model' 
_pdbx_audit_revision_details.provider            repository 
_pdbx_audit_revision_details.type                'Initial release' 
_pdbx_audit_revision_details.description         ? 
_pdbx_audit_revision_details.details             ? 
# 
loop_
_pdbx_audit_revision_group.ordinal 
_pdbx_audit_revision_group.revision_ordinal 
_pdbx_audit_revision_group.data_content_type 
_pdbx_audit_revision_group.group 
1 2 'Structure model' 'Atomic model'         
2 2 'Structure model' 'Data collection'      
3 2 'Structure model' 'Derived calculations' 
4 3 'Structure model' 'Database references'  
5 4 'Structure model' 'Data collection'      
# 
loop_
_pdbx_audit_revision_category.ordinal 
_pdbx_audit_revision_category.revision_ordinal 
_pdbx_audit_revision_category.data_content_type 
_pdbx_audit_revision_category.category 
1  2 'Structure model' atom_site                      
2  2 'Structure model' chem_comp_atom                 
3  2 'Structure model' chem_comp_bond                 
4  2 'Structure model' pdbx_validate_main_chain_plane 
5  2 'Structure model' pdbx_validate_peptide_omega    
6  2 'Structure model' pdbx_validate_rmsd_angle       
7  2 'Structure model' pdbx_validate_torsion          
8  2 'Structure model' struct_conn                    
9  3 'Structure model' citation                       
10 3 'Structure model' citation_author                
11 4 'Structure model' chem_comp                      
# 
loop_
_pdbx_audit_revision_item.ordinal 
_pdbx_audit_revision_item.revision_ordinal 
_pdbx_audit_revision_item.data_content_type 
_pdbx_audit_revision_item.item 
1  2 'Structure model' '_atom_site.auth_atom_id'             
2  2 'Structure model' '_atom_site.label_atom_id'            
3  2 'Structure model' '_chem_comp_atom.atom_id'             
4  2 'Structure model' '_chem_comp_bond.atom_id_1'           
5  2 'Structure model' '_chem_comp_bond.atom_id_2'           
6  2 'Structure model' '_struct_conn.pdbx_leaving_atom_flag' 
7  2 'Structure model' '_struct_conn.ptnr1_label_atom_id'    
8  3 'Structure model' '_citation.country'                   
9  3 'Structure model' '_citation.id'                        
10 3 'Structure model' '_citation.journal_abbrev'            
11 3 'Structure model' '_citation.journal_id_ASTM'           
12 3 'Structure model' '_citation.journal_id_CSD'            
13 3 'Structure model' '_citation.journal_id_ISSN'           
14 3 'Structure model' '_citation.journal_volume'            
15 3 'Structure model' '_citation.page_first'                
16 3 'Structure model' '_citation.page_last'                 
17 3 'Structure model' '_citation.pdbx_database_id_DOI'      
18 3 'Structure model' '_citation.pdbx_database_id_PubMed'   
19 3 'Structure model' '_citation.title'                     
20 3 'Structure model' '_citation.year'                      
21 4 'Structure model' '_chem_comp.type'                     
# 
_pdbx_database_status.status_code                     REL 
_pdbx_database_status.status_code_sf                  REL 
_pdbx_database_status.status_code_mr                  ? 
_pdbx_database_status.entry_id                        8QHM 
_pdbx_database_status.recvd_initial_deposition_date   2023-09-08 
_pdbx_database_status.SG_entry                        N 
_pdbx_database_status.deposit_site                    PDBE 
_pdbx_database_status.process_site                    PDBE 
_pdbx_database_status.status_code_cs                  ? 
_pdbx_database_status.status_code_nmr_data            ? 
_pdbx_database_status.methods_development_category    ? 
_pdbx_database_status.pdb_format_compatible           Y 
# 
_pdbx_contact_author.id                 2 
_pdbx_contact_author.email              ivan.huc@cup.lmu.de 
_pdbx_contact_author.name_first         Ivan 
_pdbx_contact_author.name_last          Huc 
_pdbx_contact_author.name_mi            ? 
_pdbx_contact_author.role               'principal investigator/group leader' 
_pdbx_contact_author.identifier_ORCID   0000-0001-7036-9696 
# 
loop_
_audit_author.name 
_audit_author.pdbx_ordinal 
_audit_author.identifier_ORCID 
'Deepak, D.' 1 0000-0002-0412-2502 
'Loos, M.'   2 ?                   
'Huc, I.'    3 0000-0001-7036-9696 
# 
loop_
_citation.abstract 
_citation.abstract_id_CAS 
_citation.book_id_ISBN 
_citation.book_publisher 
_citation.book_publisher_city 
_citation.book_title 
_citation.coordinate_linkage 
_citation.country 
_citation.database_id_Medline 
_citation.details 
_citation.id 
_citation.journal_abbrev 
_citation.journal_id_ASTM 
_citation.journal_id_CSD 
_citation.journal_id_ISSN 
_citation.journal_full 
_citation.journal_issue 
_citation.journal_volume 
_citation.language 
_citation.page_first 
_citation.page_last 
_citation.title 
_citation.year 
_citation.database_id_CSD 
_citation.pdbx_database_id_DOI 
_citation.pdbx_database_id_PubMed 
_citation.pdbx_database_id_patent 
_citation.unpublished_flag 
? ? ? ? ? ? ? GE ? ? primary Chemistry                ?      ?    0947-6539 ? ? 30 ? e202303650 e202303650 
'Enhancing the Features of DNA Mimic Foldamers for Structural Investigations.'                         2024 ? 
10.1002/chem.202303650    38193643 ? ? 
? ? ? ? ? ? ? GE ? ? 1       'Angew Chem Int Ed Engl' ACIEAY 0179 1521-3773 ? ? 61 ? e202116509 ?          
'Discrete Stacked Dimers of Aromatic Oligoamide Helices.'                                              2022 ? 
10.1002/anie.202116509    34962351 ? ? 
? ? ? ? ? ? ? UK ? ? 2       'Nat Chem'               ?      ?    1755-4349 ? ? 10 ? 511        518        
'Single helically folded aromatic oligoamides that mimic the charge surface of double-stranded B-DNA.' 2018 ? 
10.1038/s41557-018-0018-7 29610464 ? ? 
# 
loop_
_citation_author.citation_id 
_citation_author.name 
_citation_author.ordinal 
_citation_author.identifier_ORCID 
primary 'Corvaglia, V.'    1  0000-0002-6180-5975 
primary 'Wu, J.'           2  ?                   
primary 'Deepak, D.'       3  0000-0002-0412-2502 
primary 'Loos, M.'         4  ?                   
primary 'Huc, I.'          5  0000-0001-7036-9696 
1       'Bindl, D.'        6  0000-0002-2878-7592 
1       'Mandal, P.K.'     7  0000-0001-5996-956X 
1       'Allmendinger, L.' 8  ?                   
1       'Huc, I.'          9  0000-0001-7036-9696 
2       'Ziach, K.'        10 0000-0001-5465-9407 
2       'Chollet, C.'      11 ?                   
2       'Parissi, V.'      12 ?                   
2       'Prabhakaran, P.'  13 0000-0001-7530-0663 
2       'Marchivie, M.'    14 0000-0003-1362-0797 
2       'Corvaglia, V.'    15 0000-0002-6180-5975 
2       'Bose, P.P.'       16 0000-0003-4387-3584 
2       'Laxmi-Reddy, K.'  17 ?                   
2       'Godde, F.'        18 ?                   
2       'Schmitter, J.M.'  19 ?                   
2       'Chaignepain, S.'  20 ?                   
2       'Pourquier, P.'    21 0000-0001-5326-3005 
2       'Huc, I.'          22 0000-0001-7036-9696 
# 
_entity.id                         1 
_entity.type                       polymer 
_entity.src_method                 syn 
_entity.pdbx_description           'DNA mimic Foldamer' 
_entity.formula_weight             4615.155 
_entity.pdbx_number_of_molecules   2 
_entity.pdbx_ec                    ? 
_entity.pdbx_mutation              ? 
_entity.pdbx_fragment              ? 
_entity.details                    ? 
# 
_entity_poly.entity_id                      1 
_entity_poly.type                           'polypeptide(L)' 
_entity_poly.nstd_linkage                   no 
_entity_poly.nstd_monomer                   yes 
_entity_poly.pdbx_seq_one_letter_code       
;(V53)(V4F)(V53)(V4F)(V53)(V4F)(V53)(V4F)(V53)(V4F)(V53)(V4F)(V53)(V5F)(VNW)(9JV)
(QVE)
;
_entity_poly.pdbx_seq_one_letter_code_can   XXXXXXXXXXXXXXXXX 
_entity_poly.pdbx_strand_id                 A,F 
_entity_poly.pdbx_target_identifier         ? 
# 
loop_
_entity_poly_seq.entity_id 
_entity_poly_seq.num 
_entity_poly_seq.mon_id 
_entity_poly_seq.hetero 
1 1  V53 n 
1 2  V4F n 
1 3  V53 n 
1 4  V4F n 
1 5  V53 n 
1 6  V4F n 
1 7  V53 n 
1 8  V4F n 
1 9  V53 n 
1 10 V4F n 
1 11 V53 n 
1 12 V4F n 
1 13 V53 n 
1 14 V5F n 
1 15 VNW n 
1 16 9JV n 
1 17 QVE n 
# 
_pdbx_entity_src_syn.entity_id              1 
_pdbx_entity_src_syn.pdbx_src_id            1 
_pdbx_entity_src_syn.pdbx_alt_source_flag   sample 
_pdbx_entity_src_syn.pdbx_beg_seq_num       1 
_pdbx_entity_src_syn.pdbx_end_seq_num       17 
_pdbx_entity_src_syn.organism_scientific    'synthetic construct' 
_pdbx_entity_src_syn.organism_common_name   ? 
_pdbx_entity_src_syn.ncbi_taxonomy_id       32630 
_pdbx_entity_src_syn.details                ? 
# 
loop_
_chem_comp.id 
_chem_comp.type 
_chem_comp.mon_nstd_flag 
_chem_comp.name 
_chem_comp.pdbx_synonyms 
_chem_comp.formula 
_chem_comp.formula_weight 
9JV 'L-peptide linking' . '8-azanyl-4-methoxy-quinoline-2-carboxylic acid'                  ? 'C11 H10 N2 O3'    218.209 
QVE 'L-peptide linking' . '8-azanyl-4-(2-hydroxy-2-oxoethyloxy)quinoline-2-carboxylic acid' ? 'C12 H10 N2 O5'    262.218 
V4F 'peptide linking'   n '8-(aminomethyl)-4-(phosphonomethoxy)quinoline-2-carboxylic acid' ? 'C12 H13 N2 O6 P'  312.215 
V53 'peptide linking'   n '8-azanyl-4-(phosphonomethoxy)quinoline-2-carboxylic acid'        ? 'C11 H11 N2 O6 P'  298.189 
V5F 'peptide linking'   . '(2R)-2-(2-azanylphenoxy)propanoic acid'                          ? 'C9 H11 N O3'      181.189 
VNW 'peptide linking'   . '8-azanyl-4-methylselanyl-quinoline-2-carboxylic acid'            ? 'C11 H10 N2 O2 Se' 281.169 
# 
loop_
_pdbx_poly_seq_scheme.asym_id 
_pdbx_poly_seq_scheme.entity_id 
_pdbx_poly_seq_scheme.seq_id 
_pdbx_poly_seq_scheme.mon_id 
_pdbx_poly_seq_scheme.ndb_seq_num 
_pdbx_poly_seq_scheme.pdb_seq_num 
_pdbx_poly_seq_scheme.auth_seq_num 
_pdbx_poly_seq_scheme.pdb_mon_id 
_pdbx_poly_seq_scheme.auth_mon_id 
_pdbx_poly_seq_scheme.pdb_strand_id 
_pdbx_poly_seq_scheme.pdb_ins_code 
_pdbx_poly_seq_scheme.hetero 
A 1 1  V53 1  1  1  V53 XTX A . n 
A 1 2  V4F 2  2  2  V4F QWD A . n 
A 1 3  V53 3  3  3  V53 XTX A . n 
A 1 4  V4F 4  4  4  V4F QWD A . n 
A 1 5  V53 5  5  5  V53 XTX A . n 
A 1 6  V4F 6  6  6  V4F QWD A . n 
A 1 7  V53 7  7  7  V53 XTX A . n 
A 1 8  V4F 8  8  8  V4F QWD A . n 
A 1 9  V53 9  9  9  V53 XTX A . n 
A 1 10 V4F 10 10 10 V4F QWD A . n 
A 1 11 V53 11 11 11 V53 XTX A . n 
A 1 12 V4F 12 12 12 V4F QWD A . n 
A 1 13 V53 13 13 13 V53 XTX A . n 
A 1 14 V5F 14 14 14 V5F WJO A . n 
A 1 15 VNW 15 15 15 VNW QPG A . n 
A 1 16 9JV 16 16 16 9JV YOI A . n 
A 1 17 QVE 17 17 17 QVE JCS A . n 
B 1 1  V53 1  1  ?  ?   ?   F . n 
B 1 2  V4F 2  2  2  V4F QWD F . n 
B 1 3  V53 3  3  3  V53 XTX F . n 
B 1 4  V4F 4  4  4  V4F QWD F . n 
B 1 5  V53 5  5  5  V53 XTX F . n 
B 1 6  V4F 6  6  6  V4F QWD F . n 
B 1 7  V53 7  7  7  V53 XTX F . n 
B 1 8  V4F 8  8  8  V4F QWD F . n 
B 1 9  V53 9  9  9  V53 XTX F . n 
B 1 10 V4F 10 10 10 V4F QWD F . n 
B 1 11 V53 11 11 11 V53 XTX F . n 
B 1 12 V4F 12 12 12 V4F QWD F . n 
B 1 13 V53 13 13 13 V53 XTX F . n 
B 1 14 V5F 14 14 14 V5F WJO F . n 
B 1 15 VNW 15 15 15 VNW QPG F . n 
B 1 16 9JV 16 16 16 9JV YOI F . n 
B 1 17 QVE 17 17 17 QVE JCS F . n 
# 
loop_
_pdbx_entity_instance_feature.ordinal 
_pdbx_entity_instance_feature.comp_id 
_pdbx_entity_instance_feature.asym_id 
_pdbx_entity_instance_feature.seq_num 
_pdbx_entity_instance_feature.auth_comp_id 
_pdbx_entity_instance_feature.auth_asym_id 
_pdbx_entity_instance_feature.auth_seq_num 
_pdbx_entity_instance_feature.feature_type 
_pdbx_entity_instance_feature.details 
1 QVE ? ? QVE ? ? 'SUBJECT OF INVESTIGATION' ? 
2 VNW ? ? VNW ? ? 'SUBJECT OF INVESTIGATION' ? 
3 V4F ? ? V4F ? ? 'SUBJECT OF INVESTIGATION' ? 
4 V5F ? ? V5F ? ? 'SUBJECT OF INVESTIGATION' ? 
5 V53 ? ? V53 ? ? 'SUBJECT OF INVESTIGATION' ? 
6 9JV ? ? 9JV ? ? 'SUBJECT OF INVESTIGATION' ? 
# 
loop_
_software.citation_id 
_software.classification 
_software.compiler_name 
_software.compiler_version 
_software.contact_author 
_software.contact_author_email 
_software.date 
_software.description 
_software.dependencies 
_software.hardware 
_software.language 
_software.location 
_software.mods 
_software.name 
_software.os 
_software.os_version 
_software.type 
_software.version 
_software.pdbx_ordinal 
? refinement       ? ? ? ? ? ? ? ? ? ? ? PHENIX ? ? ? 1.20.1_4487 1 
? refinement       ? ? ? ? ? ? ? ? ? ? ? PHENIX ? ? ? 1.20.1_4487 2 
? 'data reduction' ? ? ? ? ? ? ? ? ? ? ? XDS    ? ? ? .           3 
? 'data scaling'   ? ? ? ? ? ? ? ? ? ? ? XSCALE ? ? ? .           4 
? phasing          ? ? ? ? ? ? ? ? ? ? ? PHASER ? ? ? .           5 
# 
_cell.angle_alpha                  90.000 
_cell.angle_alpha_esd              ? 
_cell.angle_beta                   90.000 
_cell.angle_beta_esd               ? 
_cell.angle_gamma                  90.000 
_cell.angle_gamma_esd              ? 
_cell.entry_id                     8QHM 
_cell.details                      ? 
_cell.formula_units_Z              ? 
_cell.length_a                     74.146 
_cell.length_a_esd                 ? 
_cell.length_b                     74.146 
_cell.length_b_esd                 ? 
_cell.length_c                     83.693 
_cell.length_c_esd                 ? 
_cell.volume                       460113.090 
_cell.volume_esd                   ? 
_cell.Z_PDB                        16 
_cell.reciprocal_angle_alpha       ? 
_cell.reciprocal_angle_beta        ? 
_cell.reciprocal_angle_gamma       ? 
_cell.reciprocal_angle_alpha_esd   ? 
_cell.reciprocal_angle_beta_esd    ? 
_cell.reciprocal_angle_gamma_esd   ? 
_cell.reciprocal_length_a          ? 
_cell.reciprocal_length_b          ? 
_cell.reciprocal_length_c          ? 
_cell.reciprocal_length_a_esd      ? 
_cell.reciprocal_length_b_esd      ? 
_cell.reciprocal_length_c_esd      ? 
_cell.pdbx_unique_axis             ? 
_cell.pdbx_esd_method              ? 
# 
_symmetry.entry_id                         8QHM 
_symmetry.cell_setting                     ? 
_symmetry.Int_Tables_number                96 
_symmetry.space_group_name_Hall            'P 4nw 2abw' 
_symmetry.space_group_name_H-M             'P 43 21 2' 
_symmetry.pdbx_full_space_group_name_H-M   ? 
# 
_exptl.absorpt_coefficient_mu     ? 
_exptl.absorpt_correction_T_max   ? 
_exptl.absorpt_correction_T_min   ? 
_exptl.absorpt_correction_type    ? 
_exptl.absorpt_process_details    ? 
_exptl.entry_id                   8QHM 
_exptl.crystals_number            1 
_exptl.details                    ? 
_exptl.method                     'X-RAY DIFFRACTION' 
_exptl.method_details             ? 
# 
_exptl_crystal.colour                       ? 
_exptl_crystal.density_diffrn               ? 
_exptl_crystal.density_Matthews             4.77 
_exptl_crystal.density_method               ? 
_exptl_crystal.density_percent_sol          74.23 
_exptl_crystal.description                  'Diamond shape' 
_exptl_crystal.F_000                        ? 
_exptl_crystal.id                           1 
_exptl_crystal.preparation                  ? 
_exptl_crystal.size_max                     ? 
_exptl_crystal.size_mid                     ? 
_exptl_crystal.size_min                     ? 
_exptl_crystal.size_rad                     ? 
_exptl_crystal.colour_lustre                ? 
_exptl_crystal.colour_modifier              ? 
_exptl_crystal.colour_primary               ? 
_exptl_crystal.density_meas                 ? 
_exptl_crystal.density_meas_esd             ? 
_exptl_crystal.density_meas_gt              ? 
_exptl_crystal.density_meas_lt              ? 
_exptl_crystal.density_meas_temp            ? 
_exptl_crystal.density_meas_temp_esd        ? 
_exptl_crystal.density_meas_temp_gt         ? 
_exptl_crystal.density_meas_temp_lt         ? 
_exptl_crystal.pdbx_crystal_image_url       ? 
_exptl_crystal.pdbx_crystal_image_format    ? 
_exptl_crystal.pdbx_mosaicity               ? 
_exptl_crystal.pdbx_mosaicity_esd           ? 
_exptl_crystal.pdbx_mosaic_method           ? 
_exptl_crystal.pdbx_mosaic_block_size       ? 
_exptl_crystal.pdbx_mosaic_block_size_esd   ? 
# 
_exptl_crystal_grow.apparatus       ? 
_exptl_crystal_grow.atmosphere      ? 
_exptl_crystal_grow.crystal_id      1 
_exptl_crystal_grow.details         ? 
_exptl_crystal_grow.method          'VAPOR DIFFUSION, HANGING DROP' 
_exptl_crystal_grow.method_ref      ? 
_exptl_crystal_grow.pH              7.0 
_exptl_crystal_grow.pressure        ? 
_exptl_crystal_grow.pressure_esd    ? 
_exptl_crystal_grow.seeding         ? 
_exptl_crystal_grow.seeding_ref     ? 
_exptl_crystal_grow.temp_details    ? 
_exptl_crystal_grow.temp_esd        ? 
_exptl_crystal_grow.time            ? 
_exptl_crystal_grow.pdbx_details    '20% PEG 6K, 0.1M HEPES ph 7.0, 200mM Nacl' 
_exptl_crystal_grow.pdbx_pH_range   ? 
_exptl_crystal_grow.temp            293.15 
# 
_diffrn.ambient_environment              ? 
_diffrn.ambient_temp                     100 
_diffrn.ambient_temp_details             ? 
_diffrn.ambient_temp_esd                 ? 
_diffrn.crystal_id                       1 
_diffrn.crystal_support                  ? 
_diffrn.crystal_treatment                ? 
_diffrn.details                          ? 
_diffrn.id                               1 
_diffrn.ambient_pressure                 ? 
_diffrn.ambient_pressure_esd             ? 
_diffrn.ambient_pressure_gt              ? 
_diffrn.ambient_pressure_lt              ? 
_diffrn.ambient_temp_gt                  ? 
_diffrn.ambient_temp_lt                  ? 
_diffrn.pdbx_serial_crystal_experiment   N 
# 
_diffrn_detector.details                      ? 
_diffrn_detector.detector                     PIXEL 
_diffrn_detector.diffrn_id                    1 
_diffrn_detector.type                         'DECTRIS EIGER2 X 16M' 
_diffrn_detector.area_resol_mean              ? 
_diffrn_detector.dtime                        ? 
_diffrn_detector.pdbx_frames_total            ? 
_diffrn_detector.pdbx_collection_time_total   ? 
_diffrn_detector.pdbx_collection_date         2023-05-18 
_diffrn_detector.pdbx_frequency               ? 
_diffrn_detector.id                           ? 
_diffrn_detector.number_of_axes               ? 
# 
_diffrn_radiation.collimation                      ? 
_diffrn_radiation.diffrn_id                        1 
_diffrn_radiation.filter_edge                      ? 
_diffrn_radiation.inhomogeneity                    ? 
_diffrn_radiation.monochromator                    ? 
_diffrn_radiation.polarisn_norm                    ? 
_diffrn_radiation.polarisn_ratio                   ? 
_diffrn_radiation.probe                            ? 
_diffrn_radiation.type                             ? 
_diffrn_radiation.xray_symbol                      ? 
_diffrn_radiation.wavelength_id                    1 
_diffrn_radiation.pdbx_monochromatic_or_laue_m_l   M 
_diffrn_radiation.pdbx_wavelength_list             ? 
_diffrn_radiation.pdbx_wavelength                  ? 
_diffrn_radiation.pdbx_diffrn_protocol             'SINGLE WAVELENGTH' 
_diffrn_radiation.pdbx_analyzer                    ? 
_diffrn_radiation.pdbx_scattering_type             x-ray 
# 
_diffrn_radiation_wavelength.id           1 
_diffrn_radiation_wavelength.wavelength   0.9537 
_diffrn_radiation_wavelength.wt           1.0 
# 
_diffrn_source.current                     ? 
_diffrn_source.details                     ? 
_diffrn_source.diffrn_id                   1 
_diffrn_source.power                       ? 
_diffrn_source.size                        ? 
_diffrn_source.source                      SYNCHROTRON 
_diffrn_source.target                      ? 
_diffrn_source.type                        'ESRF BEAMLINE ID23-1' 
_diffrn_source.voltage                     ? 
_diffrn_source.take-off_angle              ? 
_diffrn_source.pdbx_wavelength_list        0.9537 
_diffrn_source.pdbx_wavelength             ? 
_diffrn_source.pdbx_synchrotron_beamline   ID23-1 
_diffrn_source.pdbx_synchrotron_site       ESRF 
# 
_reflns.B_iso_Wilson_estimate                          14.88 
_reflns.entry_id                                       8QHM 
_reflns.data_reduction_details                         ? 
_reflns.data_reduction_method                          ? 
_reflns.d_resolution_high                              3.0 
_reflns.d_resolution_low                               19.97 
_reflns.details                                        ? 
_reflns.limit_h_max                                    ? 
_reflns.limit_h_min                                    ? 
_reflns.limit_k_max                                    ? 
_reflns.limit_k_min                                    ? 
_reflns.limit_l_max                                    ? 
_reflns.limit_l_min                                    ? 
_reflns.number_all                                     ? 
_reflns.number_obs                                     4874 
_reflns.observed_criterion                             ? 
_reflns.observed_criterion_F_max                       ? 
_reflns.observed_criterion_F_min                       ? 
_reflns.observed_criterion_I_max                       ? 
_reflns.observed_criterion_I_min                       ? 
_reflns.observed_criterion_sigma_F                     ? 
_reflns.observed_criterion_sigma_I                     ? 
_reflns.percent_possible_obs                           94.53 
_reflns.R_free_details                                 ? 
_reflns.Rmerge_F_all                                   ? 
_reflns.Rmerge_F_obs                                   ? 
_reflns.Friedel_coverage                               ? 
_reflns.number_gt                                      ? 
_reflns.threshold_expression                           ? 
_reflns.pdbx_redundancy                                4.3 
_reflns.pdbx_netI_over_av_sigmaI                       ? 
_reflns.pdbx_netI_over_sigmaI                          15.98 
_reflns.pdbx_res_netI_over_av_sigmaI_2                 ? 
_reflns.pdbx_res_netI_over_sigmaI_2                    ? 
_reflns.pdbx_chi_squared                               ? 
_reflns.pdbx_scaling_rejects                           ? 
_reflns.pdbx_d_res_high_opt                            ? 
_reflns.pdbx_d_res_low_opt                             ? 
_reflns.pdbx_d_res_opt_method                          ? 
_reflns.phase_calculation_details                      ? 
_reflns.pdbx_Rrim_I_all                                ? 
_reflns.pdbx_Rpim_I_all                                ? 
_reflns.pdbx_d_opt                                     ? 
_reflns.pdbx_number_measured_all                       ? 
_reflns.pdbx_diffrn_id                                 1 
_reflns.pdbx_ordinal                                   1 
_reflns.pdbx_CC_half                                   0.998 
_reflns.pdbx_CC_star                                   ? 
_reflns.pdbx_R_split                                   ? 
_reflns.pdbx_Rmerge_I_obs                              ? 
_reflns.pdbx_Rmerge_I_all                              ? 
_reflns.pdbx_Rsym_value                                ? 
_reflns.pdbx_CC_split_method                           ? 
_reflns.pdbx_aniso_diffraction_limit_axis_1_ortho[1]   ? 
_reflns.pdbx_aniso_diffraction_limit_axis_1_ortho[2]   ? 
_reflns.pdbx_aniso_diffraction_limit_axis_1_ortho[3]   ? 
_reflns.pdbx_aniso_diffraction_limit_axis_2_ortho[1]   ? 
_reflns.pdbx_aniso_diffraction_limit_axis_2_ortho[2]   ? 
_reflns.pdbx_aniso_diffraction_limit_axis_2_ortho[3]   ? 
_reflns.pdbx_aniso_diffraction_limit_axis_3_ortho[1]   ? 
_reflns.pdbx_aniso_diffraction_limit_axis_3_ortho[2]   ? 
_reflns.pdbx_aniso_diffraction_limit_axis_3_ortho[3]   ? 
_reflns.pdbx_aniso_diffraction_limit_1                 ? 
_reflns.pdbx_aniso_diffraction_limit_2                 ? 
_reflns.pdbx_aniso_diffraction_limit_3                 ? 
_reflns.pdbx_aniso_B_tensor_eigenvector_1_ortho[1]     ? 
_reflns.pdbx_aniso_B_tensor_eigenvector_1_ortho[2]     ? 
_reflns.pdbx_aniso_B_tensor_eigenvector_1_ortho[3]     ? 
_reflns.pdbx_aniso_B_tensor_eigenvector_2_ortho[1]     ? 
_reflns.pdbx_aniso_B_tensor_eigenvector_2_ortho[2]     ? 
_reflns.pdbx_aniso_B_tensor_eigenvector_2_ortho[3]     ? 
_reflns.pdbx_aniso_B_tensor_eigenvector_3_ortho[1]     ? 
_reflns.pdbx_aniso_B_tensor_eigenvector_3_ortho[2]     ? 
_reflns.pdbx_aniso_B_tensor_eigenvector_3_ortho[3]     ? 
_reflns.pdbx_aniso_B_tensor_eigenvalue_1               ? 
_reflns.pdbx_aniso_B_tensor_eigenvalue_2               ? 
_reflns.pdbx_aniso_B_tensor_eigenvalue_3               ? 
_reflns.pdbx_orthogonalization_convention              ? 
_reflns.pdbx_percent_possible_ellipsoidal              ? 
_reflns.pdbx_percent_possible_spherical                ? 
_reflns.pdbx_percent_possible_ellipsoidal_anomalous    ? 
_reflns.pdbx_percent_possible_spherical_anomalous      ? 
_reflns.pdbx_redundancy_anomalous                      ? 
_reflns.pdbx_CC_half_anomalous                         ? 
_reflns.pdbx_absDiff_over_sigma_anomalous              ? 
_reflns.pdbx_percent_possible_anomalous                ? 
_reflns.pdbx_observed_signal_threshold                 ? 
_reflns.pdbx_signal_type                               ? 
_reflns.pdbx_signal_details                            ? 
_reflns.pdbx_signal_software_id                        ? 
# 
_reflns_shell.d_res_high                                    3.0 
_reflns_shell.d_res_low                                     3.10 
_reflns_shell.meanI_over_sigI_all                           ? 
_reflns_shell.meanI_over_sigI_obs                           5.02 
_reflns_shell.number_measured_all                           ? 
_reflns_shell.number_measured_obs                           ? 
_reflns_shell.number_possible                               ? 
_reflns_shell.number_unique_all                             ? 
_reflns_shell.number_unique_obs                             395 
_reflns_shell.percent_possible_obs                          ? 
_reflns_shell.Rmerge_F_all                                  ? 
_reflns_shell.Rmerge_F_obs                                  ? 
_reflns_shell.meanI_over_sigI_gt                            ? 
_reflns_shell.meanI_over_uI_all                             ? 
_reflns_shell.meanI_over_uI_gt                              ? 
_reflns_shell.number_measured_gt                            ? 
_reflns_shell.number_unique_gt                              ? 
_reflns_shell.percent_possible_gt                           ? 
_reflns_shell.Rmerge_F_gt                                   ? 
_reflns_shell.Rmerge_I_gt                                   ? 
_reflns_shell.pdbx_redundancy                               4.1 
_reflns_shell.pdbx_chi_squared                              ? 
_reflns_shell.pdbx_netI_over_sigmaI_all                     ? 
_reflns_shell.pdbx_netI_over_sigmaI_obs                     ? 
_reflns_shell.pdbx_Rrim_I_all                               ? 
_reflns_shell.pdbx_Rpim_I_all                               ? 
_reflns_shell.pdbx_rejects                                  ? 
_reflns_shell.pdbx_ordinal                                  1 
_reflns_shell.pdbx_diffrn_id                                1 
_reflns_shell.pdbx_CC_half                                  0.984 
_reflns_shell.pdbx_CC_star                                  ? 
_reflns_shell.pdbx_R_split                                  ? 
_reflns_shell.percent_possible_all                          81.28 
_reflns_shell.Rmerge_I_all                                  ? 
_reflns_shell.Rmerge_I_obs                                  ? 
_reflns_shell.pdbx_Rsym_value                               ? 
_reflns_shell.pdbx_percent_possible_ellipsoidal             ? 
_reflns_shell.pdbx_percent_possible_spherical               ? 
_reflns_shell.pdbx_percent_possible_ellipsoidal_anomalous   ? 
_reflns_shell.pdbx_percent_possible_spherical_anomalous     ? 
_reflns_shell.pdbx_redundancy_anomalous                     ? 
_reflns_shell.pdbx_CC_half_anomalous                        ? 
_reflns_shell.pdbx_absDiff_over_sigma_anomalous             ? 
_reflns_shell.pdbx_percent_possible_anomalous               ? 
# 
_refine.aniso_B[1][1]                            ? 
_refine.aniso_B[1][2]                            ? 
_refine.aniso_B[1][3]                            ? 
_refine.aniso_B[2][2]                            ? 
_refine.aniso_B[2][3]                            ? 
_refine.aniso_B[3][3]                            ? 
_refine.B_iso_max                                ? 
_refine.B_iso_mean                               19.74 
_refine.B_iso_min                                ? 
_refine.correlation_coeff_Fo_to_Fc               ? 
_refine.correlation_coeff_Fo_to_Fc_free          ? 
_refine.details                                  ? 
_refine.diff_density_max                         ? 
_refine.diff_density_max_esd                     ? 
_refine.diff_density_min                         ? 
_refine.diff_density_min_esd                     ? 
_refine.diff_density_rms                         ? 
_refine.diff_density_rms_esd                     ? 
_refine.entry_id                                 8QHM 
_refine.pdbx_refine_id                           'X-RAY DIFFRACTION' 
_refine.ls_abs_structure_details                 ? 
_refine.ls_abs_structure_Flack                   ? 
_refine.ls_abs_structure_Flack_esd               ? 
_refine.ls_abs_structure_Rogers                  ? 
_refine.ls_abs_structure_Rogers_esd              ? 
_refine.ls_d_res_high                            3.00 
_refine.ls_d_res_low                             19.97 
_refine.ls_extinction_coef                       ? 
_refine.ls_extinction_coef_esd                   ? 
_refine.ls_extinction_expression                 ? 
_refine.ls_extinction_method                     ? 
_refine.ls_goodness_of_fit_all                   ? 
_refine.ls_goodness_of_fit_all_esd               ? 
_refine.ls_goodness_of_fit_obs                   ? 
_refine.ls_goodness_of_fit_obs_esd               ? 
_refine.ls_hydrogen_treatment                    ? 
_refine.ls_matrix_type                           ? 
_refine.ls_number_constraints                    ? 
_refine.ls_number_parameters                     ? 
_refine.ls_number_reflns_all                     ? 
_refine.ls_number_reflns_obs                     4749 
_refine.ls_number_reflns_R_free                  245 
_refine.ls_number_reflns_R_work                  4504 
_refine.ls_number_restraints                     ? 
_refine.ls_percent_reflns_obs                    95.04 
_refine.ls_percent_reflns_R_free                 5.16 
_refine.ls_R_factor_all                          ? 
_refine.ls_R_factor_obs                          0.3490 
_refine.ls_R_factor_R_free                       0.3812 
_refine.ls_R_factor_R_free_error                 ? 
_refine.ls_R_factor_R_free_error_details         ? 
_refine.ls_R_factor_R_work                       0.3470 
_refine.ls_R_Fsqd_factor_obs                     ? 
_refine.ls_R_I_factor_obs                        ? 
_refine.ls_redundancy_reflns_all                 ? 
_refine.ls_redundancy_reflns_obs                 ? 
_refine.ls_restrained_S_all                      ? 
_refine.ls_restrained_S_obs                      ? 
_refine.ls_shift_over_esd_max                    ? 
_refine.ls_shift_over_esd_mean                   ? 
_refine.ls_structure_factor_coef                 ? 
_refine.ls_weighting_details                     ? 
_refine.ls_weighting_scheme                      ? 
_refine.ls_wR_factor_all                         ? 
_refine.ls_wR_factor_obs                         ? 
_refine.ls_wR_factor_R_free                      ? 
_refine.ls_wR_factor_R_work                      ? 
_refine.occupancy_max                            ? 
_refine.occupancy_min                            ? 
_refine.solvent_model_details                    'FLAT BULK SOLVENT MODEL' 
_refine.solvent_model_param_bsol                 ? 
_refine.solvent_model_param_ksol                 ? 
_refine.pdbx_R_complete                          ? 
_refine.ls_R_factor_gt                           ? 
_refine.ls_goodness_of_fit_gt                    ? 
_refine.ls_goodness_of_fit_ref                   ? 
_refine.ls_shift_over_su_max                     ? 
_refine.ls_shift_over_su_max_lt                  ? 
_refine.ls_shift_over_su_mean                    ? 
_refine.ls_shift_over_su_mean_lt                 ? 
_refine.pdbx_ls_sigma_I                          ? 
_refine.pdbx_ls_sigma_F                          1.36 
_refine.pdbx_ls_sigma_Fsqd                       ? 
_refine.pdbx_data_cutoff_high_absF               ? 
_refine.pdbx_data_cutoff_high_rms_absF           ? 
_refine.pdbx_data_cutoff_low_absF                ? 
_refine.pdbx_isotropic_thermal_model             ? 
_refine.pdbx_ls_cross_valid_method               'FREE R-VALUE' 
_refine.pdbx_method_to_determine_struct          'MOLECULAR REPLACEMENT' 
_refine.pdbx_starting_model                      ? 
_refine.pdbx_stereochemistry_target_values       'GeoStd + Monomer Library + CDL v1.2' 
_refine.pdbx_R_Free_selection_details            ? 
_refine.pdbx_stereochem_target_val_spec_case     ? 
_refine.pdbx_overall_ESU_R                       ? 
_refine.pdbx_overall_ESU_R_Free                  ? 
_refine.pdbx_solvent_vdw_probe_radii             1.1000 
_refine.pdbx_solvent_ion_probe_radii             ? 
_refine.pdbx_solvent_shrinkage_radii             0.9000 
_refine.pdbx_real_space_R                        ? 
_refine.pdbx_density_correlation                 ? 
_refine.pdbx_pd_number_of_powder_patterns        ? 
_refine.pdbx_pd_number_of_points                 ? 
_refine.pdbx_pd_meas_number_of_points            ? 
_refine.pdbx_pd_proc_ls_prof_R_factor            ? 
_refine.pdbx_pd_proc_ls_prof_wR_factor           ? 
_refine.pdbx_pd_Marquardt_correlation_coeff      ? 
_refine.pdbx_pd_Fsqrd_R_factor                   ? 
_refine.pdbx_pd_ls_matrix_band_width             ? 
_refine.pdbx_overall_phase_error                 32.8221 
_refine.pdbx_overall_SU_R_free_Cruickshank_DPI   ? 
_refine.pdbx_overall_SU_R_free_Blow_DPI          ? 
_refine.pdbx_overall_SU_R_Blow_DPI               ? 
_refine.pdbx_TLS_residual_ADP_flag               ? 
_refine.pdbx_diffrn_id                           1 
_refine.overall_SU_B                             ? 
_refine.overall_SU_ML                            0.3430 
_refine.overall_SU_R_Cruickshank_DPI             ? 
_refine.overall_SU_R_free                        ? 
_refine.overall_FOM_free_R_set                   ? 
_refine.overall_FOM_work_R_set                   ? 
_refine.pdbx_average_fsc_overall                 ? 
_refine.pdbx_average_fsc_work                    ? 
_refine.pdbx_average_fsc_free                    ? 
# 
_refine_hist.pdbx_refine_id                   'X-RAY DIFFRACTION' 
_refine_hist.cycle_id                         LAST 
_refine_hist.details                          ? 
_refine_hist.d_res_high                       3.00 
_refine_hist.d_res_low                        19.97 
_refine_hist.number_atoms_solvent             0 
_refine_hist.number_atoms_total               609 
_refine_hist.number_reflns_all                ? 
_refine_hist.number_reflns_obs                ? 
_refine_hist.number_reflns_R_free             ? 
_refine_hist.number_reflns_R_work             ? 
_refine_hist.R_factor_all                     ? 
_refine_hist.R_factor_obs                     ? 
_refine_hist.R_factor_R_free                  ? 
_refine_hist.R_factor_R_work                  ? 
_refine_hist.pdbx_number_residues_total       ? 
_refine_hist.pdbx_B_iso_mean_ligand           ? 
_refine_hist.pdbx_B_iso_mean_solvent          ? 
_refine_hist.pdbx_number_atoms_protein        0 
_refine_hist.pdbx_number_atoms_nucleic_acid   0 
_refine_hist.pdbx_number_atoms_ligand         609 
_refine_hist.pdbx_number_atoms_lipid          ? 
_refine_hist.pdbx_number_atoms_carb           ? 
_refine_hist.pdbx_pseudo_atom_details         ? 
# 
loop_
_refine_ls_restr.pdbx_refine_id 
_refine_ls_restr.criterion 
_refine_ls_restr.dev_ideal 
_refine_ls_restr.dev_ideal_target 
_refine_ls_restr.number 
_refine_ls_restr.rejects 
_refine_ls_restr.type 
_refine_ls_restr.weight 
_refine_ls_restr.pdbx_restraint_function 
'X-RAY DIFFRACTION' ? 0.0292  ? 671  ? f_bond_d           ? ? 
'X-RAY DIFFRACTION' ? 5.6275  ? 1004 ? f_angle_d          ? ? 
'X-RAY DIFFRACTION' ? 0.2084  ? 2    ? f_chiral_restr     ? ? 
'X-RAY DIFFRACTION' ? 0.0251  ? 68   ? f_plane_restr      ? ? 
'X-RAY DIFFRACTION' ? 57.7068 ? 68   ? f_dihedral_angle_d ? ? 
# 
loop_
_refine_ls_shell.pdbx_refine_id 
_refine_ls_shell.d_res_high 
_refine_ls_shell.d_res_low 
_refine_ls_shell.number_reflns_all 
_refine_ls_shell.number_reflns_obs 
_refine_ls_shell.number_reflns_R_free 
_refine_ls_shell.number_reflns_R_work 
_refine_ls_shell.percent_reflns_obs 
_refine_ls_shell.percent_reflns_R_free 
_refine_ls_shell.R_factor_all 
_refine_ls_shell.R_factor_obs 
_refine_ls_shell.R_factor_R_free_error 
_refine_ls_shell.R_factor_R_work 
_refine_ls_shell.redundancy_reflns_all 
_refine_ls_shell.redundancy_reflns_obs 
_refine_ls_shell.wR_factor_all 
_refine_ls_shell.wR_factor_obs 
_refine_ls_shell.wR_factor_R_free 
_refine_ls_shell.wR_factor_R_work 
_refine_ls_shell.pdbx_R_complete 
_refine_ls_shell.pdbx_total_number_of_bins_used 
_refine_ls_shell.pdbx_phase_error 
_refine_ls_shell.pdbx_fsc_work 
_refine_ls_shell.pdbx_fsc_free 
_refine_ls_shell.R_factor_R_free 
'X-RAY DIFFRACTION' 3.00 3.77  . . 123 2156 93.90 . . . . 0.2496 . . . . . . . . . . . 0.3079 
'X-RAY DIFFRACTION' 3.78 19.97 . . 122 2348 96.11 . . . . 0.4358 . . . . . . . . . . . 0.4477 
# 
_struct.entry_id                     8QHM 
_struct.title                        'DNA mimic Foldamer with sticky ends' 
_struct.pdbx_model_details           ? 
_struct.pdbx_formula_weight          ? 
_struct.pdbx_formula_weight_method   ? 
_struct.pdbx_model_type_details      ? 
_struct.pdbx_CASP_flag               N 
# 
_struct_keywords.entry_id        8QHM 
_struct_keywords.text            'DNA Mimic, UNKNOWN FUNCTION' 
_struct_keywords.pdbx_keywords   'UNKNOWN FUNCTION' 
# 
loop_
_struct_asym.id 
_struct_asym.pdbx_blank_PDB_chainid_flag 
_struct_asym.pdbx_modified 
_struct_asym.entity_id 
_struct_asym.details 
A N N 1 ? 
B N N 1 ? 
# 
_struct_ref.id                         1 
_struct_ref.db_name                    PDB 
_struct_ref.db_code                    8QHM 
_struct_ref.pdbx_db_accession          8QHM 
_struct_ref.pdbx_db_isoform            ? 
_struct_ref.entity_id                  1 
_struct_ref.pdbx_seq_one_letter_code   ? 
_struct_ref.pdbx_align_begin           1 
# 
loop_
_struct_ref_seq.align_id 
_struct_ref_seq.ref_id 
_struct_ref_seq.pdbx_PDB_id_code 
_struct_ref_seq.pdbx_strand_id 
_struct_ref_seq.seq_align_beg 
_struct_ref_seq.pdbx_seq_align_beg_ins_code 
_struct_ref_seq.seq_align_end 
_struct_ref_seq.pdbx_seq_align_end_ins_code 
_struct_ref_seq.pdbx_db_accession 
_struct_ref_seq.db_align_beg 
_struct_ref_seq.pdbx_db_align_beg_ins_code 
_struct_ref_seq.db_align_end 
_struct_ref_seq.pdbx_db_align_end_ins_code 
_struct_ref_seq.pdbx_auth_seq_align_beg 
_struct_ref_seq.pdbx_auth_seq_align_end 
1 1 8QHM A 1 ? 17 ? 8QHM 1 ? 17 ? 1 17 
2 1 8QHM F 1 ? 17 ? 8QHM 1 ? 17 ? 1 17 
# 
loop_
_pdbx_struct_assembly.id 
_pdbx_struct_assembly.details 
_pdbx_struct_assembly.method_details 
_pdbx_struct_assembly.oligomeric_details 
_pdbx_struct_assembly.oligomeric_count 
1 author_defined_assembly ? monomeric 1 
2 author_defined_assembly ? monomeric 1 
# 
loop_
_pdbx_struct_assembly_gen.assembly_id 
_pdbx_struct_assembly_gen.oper_expression 
_pdbx_struct_assembly_gen.asym_id_list 
1 1 A 
2 1 B 
# 
_pdbx_struct_assembly_auth_evidence.id                     1 
_pdbx_struct_assembly_auth_evidence.assembly_id            1 
_pdbx_struct_assembly_auth_evidence.experimental_support   none 
_pdbx_struct_assembly_auth_evidence.details                ? 
# 
_pdbx_struct_oper_list.id                   1 
_pdbx_struct_oper_list.type                 'identity operation' 
_pdbx_struct_oper_list.name                 1_555 
_pdbx_struct_oper_list.symmetry_operation   x,y,z 
_pdbx_struct_oper_list.matrix[1][1]         1.0000000000 
_pdbx_struct_oper_list.matrix[1][2]         0.0000000000 
_pdbx_struct_oper_list.matrix[1][3]         0.0000000000 
_pdbx_struct_oper_list.vector[1]            0.0000000000 
_pdbx_struct_oper_list.matrix[2][1]         0.0000000000 
_pdbx_struct_oper_list.matrix[2][2]         1.0000000000 
_pdbx_struct_oper_list.matrix[2][3]         0.0000000000 
_pdbx_struct_oper_list.vector[2]            0.0000000000 
_pdbx_struct_oper_list.matrix[3][1]         0.0000000000 
_pdbx_struct_oper_list.matrix[3][2]         0.0000000000 
_pdbx_struct_oper_list.matrix[3][3]         1.0000000000 
_pdbx_struct_oper_list.vector[3]            0.0000000000 
# 
loop_
_struct_conn.id 
_struct_conn.conn_type_id 
_struct_conn.pdbx_leaving_atom_flag 
_struct_conn.pdbx_PDB_id 
_struct_conn.ptnr1_label_asym_id 
_struct_conn.ptnr1_label_comp_id 
_struct_conn.ptnr1_label_seq_id 
_struct_conn.ptnr1_label_atom_id 
_struct_conn.pdbx_ptnr1_label_alt_id 
_struct_conn.pdbx_ptnr1_PDB_ins_code 
_struct_conn.pdbx_ptnr1_standard_comp_id 
_struct_conn.ptnr1_symmetry 
_struct_conn.ptnr2_label_asym_id 
_struct_conn.ptnr2_label_comp_id 
_struct_conn.ptnr2_label_seq_id 
_struct_conn.ptnr2_label_atom_id 
_struct_conn.pdbx_ptnr2_label_alt_id 
_struct_conn.pdbx_ptnr2_PDB_ins_code 
_struct_conn.ptnr1_auth_asym_id 
_struct_conn.ptnr1_auth_comp_id 
_struct_conn.ptnr1_auth_seq_id 
_struct_conn.ptnr2_auth_asym_id 
_struct_conn.ptnr2_auth_comp_id 
_struct_conn.ptnr2_auth_seq_id 
_struct_conn.ptnr2_symmetry 
_struct_conn.pdbx_ptnr3_label_atom_id 
_struct_conn.pdbx_ptnr3_label_seq_id 
_struct_conn.pdbx_ptnr3_label_comp_id 
_struct_conn.pdbx_ptnr3_label_asym_id 
_struct_conn.pdbx_ptnr3_label_alt_id 
_struct_conn.pdbx_ptnr3_PDB_ins_code 
_struct_conn.details 
_struct_conn.pdbx_dist_value 
_struct_conn.pdbx_value_order 
_struct_conn.pdbx_role 
covale1  covale both ? A V53 1  C ? ? ? 1_555 A V4F 2  N ? ? A V53 1  A V4F 2  1_555 ? ? ? ? ? ? ? 1.330 ? ? 
covale2  covale both ? A V4F 2  C ? ? ? 1_555 A V53 3  N ? ? A V4F 2  A V53 3  1_555 ? ? ? ? ? ? ? 1.325 ? ? 
covale3  covale both ? A V53 3  C ? ? ? 1_555 A V4F 4  N ? ? A V53 3  A V4F 4  1_555 ? ? ? ? ? ? ? 1.330 ? ? 
covale4  covale both ? A V4F 4  C ? ? ? 1_555 A V53 5  N ? ? A V4F 4  A V53 5  1_555 ? ? ? ? ? ? ? 1.341 ? ? 
covale5  covale both ? A V53 5  C ? ? ? 1_555 A V4F 6  N ? ? A V53 5  A V4F 6  1_555 ? ? ? ? ? ? ? 1.312 ? ? 
covale6  covale both ? A V4F 6  C ? ? ? 1_555 A V53 7  N ? ? A V4F 6  A V53 7  1_555 ? ? ? ? ? ? ? 1.343 ? ? 
covale7  covale both ? A V53 7  C ? ? ? 1_555 A V4F 8  N ? ? A V53 7  A V4F 8  1_555 ? ? ? ? ? ? ? 1.333 ? ? 
covale8  covale both ? A V4F 8  C ? ? ? 1_555 A V53 9  N ? ? A V4F 8  A V53 9  1_555 ? ? ? ? ? ? ? 1.348 ? ? 
covale9  covale both ? A V53 9  C ? ? ? 1_555 A V4F 10 N ? ? A V53 9  A V4F 10 1_555 ? ? ? ? ? ? ? 1.341 ? ? 
covale10 covale both ? A V4F 10 C ? ? ? 1_555 A V53 11 N ? ? A V4F 10 A V53 11 1_555 ? ? ? ? ? ? ? 1.296 ? ? 
covale11 covale both ? A V53 11 C ? ? ? 1_555 A V4F 12 N ? ? A V53 11 A V4F 12 1_555 ? ? ? ? ? ? ? 1.345 ? ? 
covale12 covale both ? A V4F 12 C ? ? ? 1_555 A V53 13 N ? ? A V4F 12 A V53 13 1_555 ? ? ? ? ? ? ? 1.321 ? ? 
covale13 covale both ? A V53 13 C ? ? ? 1_555 A V5F 14 N ? ? A V53 13 A V5F 14 1_555 ? ? ? ? ? ? ? 1.342 ? ? 
covale14 covale both ? A V5F 14 C ? ? ? 1_555 A VNW 15 N ? ? A V5F 14 A VNW 15 1_555 ? ? ? ? ? ? ? 1.341 ? ? 
covale15 covale both ? A VNW 15 C ? ? ? 1_555 A 9JV 16 N ? ? A VNW 15 A 9JV 16 1_555 ? ? ? ? ? ? ? 1.312 ? ? 
covale16 covale both ? A 9JV 16 C ? ? ? 1_555 A QVE 17 N ? ? A 9JV 16 A QVE 17 1_555 ? ? ? ? ? ? ? 1.333 ? ? 
covale17 covale both ? B V4F 2  C ? ? ? 1_555 B V53 3  N ? ? F V4F 2  F V53 3  1_555 ? ? ? ? ? ? ? 1.293 ? ? 
covale18 covale both ? B V53 3  C ? ? ? 1_555 B V4F 4  N ? ? F V53 3  F V4F 4  1_555 ? ? ? ? ? ? ? 1.324 ? ? 
covale19 covale both ? B V4F 4  C ? ? ? 1_555 B V53 5  N ? ? F V4F 4  F V53 5  1_555 ? ? ? ? ? ? ? 1.333 ? ? 
covale20 covale both ? B V53 5  C ? ? ? 1_555 B V4F 6  N ? ? F V53 5  F V4F 6  1_555 ? ? ? ? ? ? ? 1.307 ? ? 
covale21 covale both ? B V4F 6  C ? ? ? 1_555 B V53 7  N ? ? F V4F 6  F V53 7  1_555 ? ? ? ? ? ? ? 1.352 ? ? 
covale22 covale both ? B V53 7  C ? ? ? 1_555 B V4F 8  N ? ? F V53 7  F V4F 8  1_555 ? ? ? ? ? ? ? 1.317 ? ? 
covale23 covale both ? B V4F 8  C ? ? ? 1_555 B V53 9  N ? ? F V4F 8  F V53 9  1_555 ? ? ? ? ? ? ? 1.340 ? ? 
covale24 covale both ? B V53 9  C ? ? ? 1_555 B V4F 10 N ? ? F V53 9  F V4F 10 1_555 ? ? ? ? ? ? ? 1.324 ? ? 
covale25 covale both ? B V4F 10 C ? ? ? 1_555 B V53 11 N ? ? F V4F 10 F V53 11 1_555 ? ? ? ? ? ? ? 1.343 ? ? 
covale26 covale both ? B V53 11 C ? ? ? 1_555 B V4F 12 N ? ? F V53 11 F V4F 12 1_555 ? ? ? ? ? ? ? 1.344 ? ? 
covale27 covale both ? B V4F 12 C ? ? ? 1_555 B V53 13 N ? ? F V4F 12 F V53 13 1_555 ? ? ? ? ? ? ? 1.322 ? ? 
covale28 covale both ? B V53 13 C ? ? ? 1_555 B V5F 14 N ? ? F V53 13 F V5F 14 1_555 ? ? ? ? ? ? ? 1.328 ? ? 
covale29 covale both ? B V5F 14 C ? ? ? 1_555 B VNW 15 N ? ? F V5F 14 F VNW 15 1_555 ? ? ? ? ? ? ? 1.315 ? ? 
covale30 covale both ? B VNW 15 C ? ? ? 1_555 B 9JV 16 N ? ? F VNW 15 F 9JV 16 1_555 ? ? ? ? ? ? ? 1.320 ? ? 
covale31 covale both ? B 9JV 16 C ? ? ? 1_555 B QVE 17 N ? ? F 9JV 16 F QVE 17 1_555 ? ? ? ? ? ? ? 1.333 ? ? 
# 
_struct_conn_type.id          covale 
_struct_conn_type.criteria    ? 
_struct_conn_type.reference   ? 
# 
loop_
_struct_mon_prot_cis.pdbx_id 
_struct_mon_prot_cis.label_comp_id 
_struct_mon_prot_cis.label_seq_id 
_struct_mon_prot_cis.label_asym_id 
_struct_mon_prot_cis.label_alt_id 
_struct_mon_prot_cis.pdbx_PDB_ins_code 
_struct_mon_prot_cis.auth_comp_id 
_struct_mon_prot_cis.auth_seq_id 
_struct_mon_prot_cis.auth_asym_id 
_struct_mon_prot_cis.pdbx_label_comp_id_2 
_struct_mon_prot_cis.pdbx_label_seq_id_2 
_struct_mon_prot_cis.pdbx_label_asym_id_2 
_struct_mon_prot_cis.pdbx_PDB_ins_code_2 
_struct_mon_prot_cis.pdbx_auth_comp_id_2 
_struct_mon_prot_cis.pdbx_auth_seq_id_2 
_struct_mon_prot_cis.pdbx_auth_asym_id_2 
_struct_mon_prot_cis.pdbx_PDB_model_num 
_struct_mon_prot_cis.pdbx_omega_angle 
1  V4F 2  A . ? V4F 2  A V53 3  A ? V53 3  A 1 0.43   
2  V4F 4  A . ? V4F 4  A V53 5  A ? V53 5  A 1 11.64  
3  V4F 6  A . ? V4F 6  A V53 7  A ? V53 7  A 1 -11.78 
4  V4F 8  A . ? V4F 8  A V53 9  A ? V53 9  A 1 -2.49  
5  V53 11 A . ? V53 11 A V4F 12 A ? V4F 12 A 1 -14.93 
6  V5F 14 A . ? V5F 14 A VNW 15 A ? VNW 15 A 1 -6.48  
7  V4F 2  B . ? V4F 2  F V53 3  B ? V53 3  F 1 8.68   
8  V4F 4  B . ? V4F 4  F V53 5  B ? V53 5  F 1 0.33   
9  V4F 6  B . ? V4F 6  F V53 7  B ? V53 7  F 1 0.91   
10 V4F 8  B . ? V4F 8  F V53 9  B ? V53 9  F 1 -4.16  
11 V4F 10 B . ? V4F 10 F V53 11 B ? V53 11 F 1 10.36  
12 V53 11 B . ? V53 11 F V4F 12 B ? V4F 12 F 1 -24.73 
13 V4F 12 B . ? V4F 12 F V53 13 B ? V53 13 F 1 0.18   
14 V53 13 B . ? V53 13 F V5F 14 B ? V5F 14 F 1 -13.45 
# 
_pdbx_entry_details.entry_id                   8QHM 
_pdbx_entry_details.has_ligand_of_interest     Y 
_pdbx_entry_details.compound_details           ? 
_pdbx_entry_details.source_details             ? 
_pdbx_entry_details.nonpolymer_details         ? 
_pdbx_entry_details.sequence_details           ? 
_pdbx_entry_details.has_protein_modification   ? 
# 
loop_
_pdbx_validate_close_contact.id 
_pdbx_validate_close_contact.PDB_model_num 
_pdbx_validate_close_contact.auth_atom_id_1 
_pdbx_validate_close_contact.auth_asym_id_1 
_pdbx_validate_close_contact.auth_comp_id_1 
_pdbx_validate_close_contact.auth_seq_id_1 
_pdbx_validate_close_contact.PDB_ins_code_1 
_pdbx_validate_close_contact.label_alt_id_1 
_pdbx_validate_close_contact.auth_atom_id_2 
_pdbx_validate_close_contact.auth_asym_id_2 
_pdbx_validate_close_contact.auth_comp_id_2 
_pdbx_validate_close_contact.auth_seq_id_2 
_pdbx_validate_close_contact.PDB_ins_code_2 
_pdbx_validate_close_contact.label_alt_id_2 
_pdbx_validate_close_contact.dist 
1 1 O2 F V53 9  ? ? O1 F V53 11 ? ? 2.14 
2 1 O2 F V4F 10 ? ? O3 F V4F 12 ? ? 2.16 
# 
loop_
_pdbx_validate_rmsd_angle.id 
_pdbx_validate_rmsd_angle.PDB_model_num 
_pdbx_validate_rmsd_angle.auth_atom_id_1 
_pdbx_validate_rmsd_angle.auth_asym_id_1 
_pdbx_validate_rmsd_angle.auth_comp_id_1 
_pdbx_validate_rmsd_angle.auth_seq_id_1 
_pdbx_validate_rmsd_angle.PDB_ins_code_1 
_pdbx_validate_rmsd_angle.label_alt_id_1 
_pdbx_validate_rmsd_angle.auth_atom_id_2 
_pdbx_validate_rmsd_angle.auth_asym_id_2 
_pdbx_validate_rmsd_angle.auth_comp_id_2 
_pdbx_validate_rmsd_angle.auth_seq_id_2 
_pdbx_validate_rmsd_angle.PDB_ins_code_2 
_pdbx_validate_rmsd_angle.label_alt_id_2 
_pdbx_validate_rmsd_angle.auth_atom_id_3 
_pdbx_validate_rmsd_angle.auth_asym_id_3 
_pdbx_validate_rmsd_angle.auth_comp_id_3 
_pdbx_validate_rmsd_angle.auth_seq_id_3 
_pdbx_validate_rmsd_angle.PDB_ins_code_3 
_pdbx_validate_rmsd_angle.label_alt_id_3 
_pdbx_validate_rmsd_angle.angle_value 
_pdbx_validate_rmsd_angle.angle_target_value 
_pdbx_validate_rmsd_angle.angle_deviation 
_pdbx_validate_rmsd_angle.angle_standard_deviation 
_pdbx_validate_rmsd_angle.linker_flag 
1  1 CA A V53 1  ? ? C A V53 1  ? ? N  A V4F 2  ? ? 88.99  117.20 -28.21 2.20 Y 
2  1 CA A V4F 2  ? ? C A V4F 2  ? ? N  A V53 3  ? ? 97.56  117.20 -19.64 2.20 Y 
3  1 C  A V4F 2  ? ? N A V53 3  ? ? CA A V53 3  ? ? 169.23 121.70 47.53  2.50 Y 
4  1 CA A V53 3  ? ? C A V53 3  ? ? N  A V4F 4  ? ? 82.41  117.20 -34.79 2.20 Y 
5  1 C  A V53 3  ? ? N A V4F 4  ? ? CA A V4F 4  ? ? 85.37  121.70 -36.33 2.50 Y 
6  1 CA A V4F 4  ? ? C A V4F 4  ? ? N  A V53 5  ? ? 85.44  117.20 -31.76 2.20 Y 
7  1 C  A V4F 4  ? ? N A V53 5  ? ? CA A V53 5  ? ? 152.98 121.70 31.28  2.50 Y 
8  1 CA A V53 5  ? ? C A V53 5  ? ? N  A V4F 6  ? ? 79.51  117.20 -37.69 2.20 Y 
9  1 C  A V53 5  ? ? N A V4F 6  ? ? CA A V4F 6  ? ? 88.36  121.70 -33.34 2.50 Y 
10 1 CA A V4F 6  ? ? C A V4F 6  ? ? N  A V53 7  ? ? 87.51  117.20 -29.69 2.20 Y 
11 1 C  A V4F 6  ? ? N A V53 7  ? ? CA A V53 7  ? ? 174.08 121.70 52.38  2.50 Y 
12 1 CA A V53 7  ? ? C A V53 7  ? ? N  A V4F 8  ? ? 83.89  117.20 -33.31 2.20 Y 
13 1 C  A V53 7  ? ? N A V4F 8  ? ? CA A V4F 8  ? ? 101.72 121.70 -19.98 2.50 Y 
14 1 CA A V4F 8  ? ? C A V4F 8  ? ? N  A V53 9  ? ? 93.89  117.20 -23.31 2.20 Y 
15 1 C  A V4F 8  ? ? N A V53 9  ? ? CA A V53 9  ? ? 167.86 121.70 46.16  2.50 Y 
16 1 CA A V53 9  ? ? C A V53 9  ? ? N  A V4F 10 ? ? 79.32  117.20 -37.88 2.20 Y 
17 1 C  A V53 9  ? ? N A V4F 10 ? ? CA A V4F 10 ? ? 92.85  121.70 -28.85 2.50 Y 
18 1 CA A V4F 10 ? ? C A V4F 10 ? ? N  A V53 11 ? ? 80.81  117.20 -36.39 2.20 Y 
19 1 C  A V4F 10 ? ? N A V53 11 ? ? CA A V53 11 ? ? 161.68 121.70 39.98  2.50 Y 
20 1 CA A V53 11 ? ? C A V53 11 ? ? N  A V4F 12 ? ? 95.96  117.20 -21.24 2.20 Y 
21 1 C  A V53 11 ? ? N A V4F 12 ? ? CA A V4F 12 ? ? 139.66 121.70 17.96  2.50 Y 
22 1 CA A V4F 12 ? ? C A V4F 12 ? ? N  A V53 13 ? ? 77.30  117.20 -39.90 2.20 Y 
23 1 CA A V53 13 ? ? C A V53 13 ? ? N  A V5F 14 ? ? 99.60  117.20 -17.60 2.20 Y 
24 1 C  A V53 13 ? ? N A V5F 14 ? ? CA A V5F 14 ? ? 151.16 121.70 29.46  2.50 Y 
25 1 CA A V5F 14 ? ? C A V5F 14 ? ? N  A VNW 15 ? ? 101.72 117.20 -15.48 2.20 Y 
26 1 C  A V5F 14 ? ? N A VNW 15 ? ? CA A VNW 15 ? ? 139.80 121.70 18.10  2.50 Y 
27 1 CA F V4F 2  ? ? C F V4F 2  ? ? N  F V53 3  ? ? 91.19  117.20 -26.01 2.20 Y 
28 1 C  F V4F 2  ? ? N F V53 3  ? ? CA F V53 3  ? ? 152.60 121.70 30.90  2.50 Y 
29 1 CA F V53 3  ? ? C F V53 3  ? ? N  F V4F 4  ? ? 90.39  117.20 -26.81 2.20 Y 
30 1 C  F V53 3  ? ? N F V4F 4  ? ? CA F V4F 4  ? ? 94.37  121.70 -27.33 2.50 Y 
31 1 CA F V4F 4  ? ? C F V4F 4  ? ? N  F V53 5  ? ? 85.72  117.20 -31.48 2.20 Y 
32 1 C  F V4F 4  ? ? N F V53 5  ? ? CA F V53 5  ? ? 166.20 121.70 44.50  2.50 Y 
33 1 CA F V53 5  ? ? C F V53 5  ? ? N  F V4F 6  ? ? 79.79  117.20 -37.41 2.20 Y 
34 1 C  F V53 5  ? ? N F V4F 6  ? ? CA F V4F 6  ? ? 95.48  121.70 -26.22 2.50 Y 
35 1 CA F V4F 6  ? ? C F V4F 6  ? ? N  F V53 7  ? ? 86.34  117.20 -30.86 2.20 Y 
36 1 C  F V4F 6  ? ? N F V53 7  ? ? CA F V53 7  ? ? 157.62 121.70 35.92  2.50 Y 
37 1 CA F V53 7  ? ? C F V53 7  ? ? N  F V4F 8  ? ? 79.55  117.20 -37.65 2.20 Y 
38 1 C  F V53 7  ? ? N F V4F 8  ? ? CA F V4F 8  ? ? 97.43  121.70 -24.27 2.50 Y 
39 1 CA F V4F 8  ? ? C F V4F 8  ? ? N  F V53 9  ? ? 88.56  117.20 -28.64 2.20 Y 
40 1 C  F V4F 8  ? ? N F V53 9  ? ? CA F V53 9  ? ? 163.00 121.70 41.30  2.50 Y 
41 1 CA F V53 9  ? ? C F V53 9  ? ? N  F V4F 10 ? ? 90.67  117.20 -26.53 2.20 Y 
42 1 C  F V53 9  ? ? N F V4F 10 ? ? CA F V4F 10 ? ? 94.37  121.70 -27.33 2.50 Y 
43 1 CA F V4F 10 ? ? C F V4F 10 ? ? N  F V53 11 ? ? 86.94  117.20 -30.26 2.20 Y 
44 1 C  F V4F 10 ? ? N F V53 11 ? ? CA F V53 11 ? ? 159.26 121.70 37.56  2.50 Y 
45 1 CA F V53 11 ? ? C F V53 11 ? ? N  F V4F 12 ? ? 93.35  117.20 -23.85 2.20 Y 
46 1 CA F V4F 12 ? ? C F V4F 12 ? ? N  F V53 13 ? ? 90.39  117.20 -26.81 2.20 Y 
47 1 C  F V4F 12 ? ? N F V53 13 ? ? CA F V53 13 ? ? 156.67 121.70 34.97  2.50 Y 
48 1 C  F V53 13 ? ? N F V5F 14 ? ? CA F V5F 14 ? ? 159.93 121.70 38.23  2.50 Y 
49 1 C  F V5F 14 ? ? N F VNW 15 ? ? CA F VNW 15 ? ? 138.76 121.70 17.06  2.50 Y 
50 1 C  F VNW 15 ? ? N F 9JV 16 ? ? CA F 9JV 16 ? ? 137.05 121.70 15.35  2.50 Y 
# 
loop_
_pdbx_validate_torsion.id 
_pdbx_validate_torsion.PDB_model_num 
_pdbx_validate_torsion.auth_comp_id 
_pdbx_validate_torsion.auth_asym_id 
_pdbx_validate_torsion.auth_seq_id 
_pdbx_validate_torsion.PDB_ins_code 
_pdbx_validate_torsion.label_alt_id 
_pdbx_validate_torsion.phi 
_pdbx_validate_torsion.psi 
1 1 9JV A 16 ? ? -31.93 -19.57 
2 1 9JV F 16 ? ? -15.45 -30.73 
# 
loop_
_pdbx_validate_peptide_omega.id 
_pdbx_validate_peptide_omega.PDB_model_num 
_pdbx_validate_peptide_omega.auth_comp_id_1 
_pdbx_validate_peptide_omega.auth_asym_id_1 
_pdbx_validate_peptide_omega.auth_seq_id_1 
_pdbx_validate_peptide_omega.PDB_ins_code_1 
_pdbx_validate_peptide_omega.label_alt_id_1 
_pdbx_validate_peptide_omega.auth_comp_id_2 
_pdbx_validate_peptide_omega.auth_asym_id_2 
_pdbx_validate_peptide_omega.auth_seq_id_2 
_pdbx_validate_peptide_omega.PDB_ins_code_2 
_pdbx_validate_peptide_omega.label_alt_id_2 
_pdbx_validate_peptide_omega.omega 
1  1 V4F A 2  ? ? V53 A 3  ? ? 113.75  
2  1 V53 A 3  ? ? V4F A 4  ? ? -141.97 
3  1 V4F A 4  ? ? V53 A 5  ? ? 132.27  
4  1 V53 A 5  ? ? V4F A 6  ? ? -149.66 
5  1 V4F A 6  ? ? V53 A 7  ? ? 117.53  
6  1 V4F A 8  ? ? V53 A 9  ? ? 144.47  
7  1 V53 A 9  ? ? V4F A 10 ? ? -147.69 
8  1 V53 A 11 ? ? V4F A 12 ? ? -130.44 
9  1 V4F A 12 ? ? V53 A 13 ? ? 110.02  
10 1 V53 A 13 ? ? V5F A 14 ? ? -113.57 
11 1 V4F F 2  ? ? V53 F 3  ? ? 133.07  
12 1 V53 F 3  ? ? V4F F 4  ? ? -141.29 
13 1 V4F F 4  ? ? V53 F 5  ? ? 94.39   
14 1 V53 F 5  ? ? V4F F 6  ? ? -146.95 
15 1 V4F F 6  ? ? V53 F 7  ? ? 126.81  
16 1 V4F F 8  ? ? V53 F 9  ? ? 115.42  
17 1 V53 F 9  ? ? V4F F 10 ? ? -145.91 
18 1 V4F F 10 ? ? V53 F 11 ? ? 91.96   
19 1 V4F F 12 ? ? V53 F 13 ? ? 117.85  
# 
loop_
_pdbx_validate_main_chain_plane.id 
_pdbx_validate_main_chain_plane.PDB_model_num 
_pdbx_validate_main_chain_plane.auth_comp_id 
_pdbx_validate_main_chain_plane.auth_asym_id 
_pdbx_validate_main_chain_plane.auth_seq_id 
_pdbx_validate_main_chain_plane.PDB_ins_code 
_pdbx_validate_main_chain_plane.label_alt_id 
_pdbx_validate_main_chain_plane.improper_torsion_angle 
1 1 V4F A 6  ? ? -11.59 
2 1 V4F F 4  ? ? -14.82 
3 1 V4F F 6  ? ? -10.28 
4 1 V4F F 10 ? ? -11.57 
# 
loop_
_space_group_symop.id 
_space_group_symop.operation_xyz 
1 x,y,z               
2 -y+1/2,x+1/2,z+3/4  
3 y+1/2,-x+1/2,z+1/4  
4 x+1/2,-y+1/2,-z+1/4 
5 -x+1/2,y+1/2,-z+3/4 
6 -x,-y,z+1/2         
7 y,x,-z              
8 -y,-x,-z+1/2        
# 
_pdbx_unobs_or_zero_occ_residues.id               1 
_pdbx_unobs_or_zero_occ_residues.PDB_model_num    1 
_pdbx_unobs_or_zero_occ_residues.polymer_flag     Y 
_pdbx_unobs_or_zero_occ_residues.occupancy_flag   1 
_pdbx_unobs_or_zero_occ_residues.auth_asym_id     F 
_pdbx_unobs_or_zero_occ_residues.auth_comp_id     V53 
_pdbx_unobs_or_zero_occ_residues.auth_seq_id      1 
_pdbx_unobs_or_zero_occ_residues.PDB_ins_code     ? 
_pdbx_unobs_or_zero_occ_residues.label_asym_id    B 
_pdbx_unobs_or_zero_occ_residues.label_comp_id    V53 
_pdbx_unobs_or_zero_occ_residues.label_seq_id     1 
# 
loop_
_chem_comp_atom.comp_id 
_chem_comp_atom.atom_id 
_chem_comp_atom.type_symbol 
_chem_comp_atom.pdbx_aromatic_flag 
_chem_comp_atom.pdbx_stereo_config 
_chem_comp_atom.pdbx_ordinal 
9JV C    C  N N 1   
9JV C76  C  Y N 2   
9JV C77  C  Y N 3   
9JV CA   C  Y N 4   
9JV C79  C  Y N 5   
9JV C80  C  Y N 6   
9JV C81  C  Y N 7   
9JV C82  C  Y N 8   
9JV C83  C  Y N 9   
9JV C84  C  Y N 10  
9JV N2   N  Y N 11  
9JV N    N  N N 12  
9JV O    O  N N 13  
9JV O15  O  N N 14  
9JV C103 C  N N 15  
9JV OXT  O  N N 16  
9JV H1   H  N N 17  
9JV H5   H  N N 18  
9JV H3   H  N N 19  
9JV H4   H  N N 20  
9JV H    H  N N 21  
9JV H2   H  N N 22  
9JV H7   H  N N 23  
9JV H8   H  N N 24  
9JV H9   H  N N 25  
9JV HXT  H  N N 26  
QVE O    O  N N 27  
QVE C    C  N N 28  
QVE CA   C  Y N 29  
QVE N11  N  Y N 30  
QVE C7   C  Y N 31  
QVE C2   C  Y N 32  
QVE N    N  N N 33  
QVE C9   C  Y N 34  
QVE C8   C  Y N 35  
QVE OB   O  N N 36  
QVE CG   C  N N 37  
QVE CD   C  N N 38  
QVE OE2  O  N N 39  
QVE OE1  O  N N 40  
QVE C6   C  Y N 41  
QVE C5   C  Y N 42  
QVE C4   C  Y N 43  
QVE C3   C  Y N 44  
QVE H2   H  N N 45  
QVE H    H  N N 46  
QVE H4   H  N N 47  
QVE H5   H  N N 48  
QVE H6   H  N N 49  
QVE H7   H  N N 50  
QVE H8   H  N N 51  
QVE H9   H  N N 52  
QVE H10  H  N N 53  
QVE OXT  O  N N 54  
QVE HXT  H  N N 55  
V4F C    C  N N 56  
V4F CAF  C  Y N 57  
V4F CAD  C  Y N 58  
V4F CAE  C  Y N 59  
V4F CAL  C  Y N 60  
V4F CAM  C  Y N 61  
V4F CAJ  C  Y N 62  
V4F CAK  C  Y N 63  
V4F CAG  C  Y N 64  
V4F CAI  C  Y N 65  
V4F C01  C  N N 66  
V4F CA   C  N N 67  
V4F NAH  N  Y N 68  
V4F N    N  N N 69  
V4F O    O  N N 70  
V4F O01  O  N N 71  
V4F O3   O  N N 72  
V4F O2   O  N N 73  
V4F O1   O  N N 74  
V4F P    P  N N 75  
V4F HAD  H  N N 76  
V4F HAK  H  N N 77  
V4F HAG  H  N N 78  
V4F HAI  H  N N 79  
V4F H3   H  N N 80  
V4F HA1  H  N N 81  
V4F HA2  H  N N 82  
V4F H    H  N N 83  
V4F H2   H  N N 84  
V4F HPO3 H  N N 85  
V4F HPO2 H  N N 86  
V4F OXT  O  N N 87  
V4F H1   H  N N 88  
V4F HXT  H  N N 89  
V53 C    C  N N 90  
V53 CAF  C  Y N 91  
V53 CAD  C  Y N 92  
V53 CAJ  C  Y N 93  
V53 CAL  C  Y N 94  
V53 CAM  C  Y N 95  
V53 CA   C  Y N 96  
V53 CAK  C  Y N 97  
V53 CAG  C  Y N 98  
V53 CAI  C  Y N 99  
V53 C01  C  N N 100 
V53 NAH  N  Y N 101 
V53 N    N  N N 102 
V53 O    O  N N 103 
V53 O01  O  N N 104 
V53 O1   O  N N 105 
V53 O2   O  N N 106 
V53 O3   O  N N 107 
V53 P    P  N N 108 
V53 HAK  H  N N 109 
V53 HAG  H  N N 110 
V53 HAI  H  N N 111 
V53 H    H  N N 112 
V53 H2   H  N N 113 
V53 OXT  O  N N 114 
V53 HXT  H  N N 115 
V53 HAD  H  N N 116 
V53 HPO2 H  N N 117 
V53 HPO3 H  N N 118 
V53 H1   H  N N 119 
V53 H3   H  N N 120 
V5F C    C  N N 121 
V5F C6   C  N R 122 
V5F C2   C  Y N 123 
V5F C1   C  Y N 124 
V5F CA   C  Y N 125 
V5F C5   C  Y N 126 
V5F C4   C  Y N 127 
V5F C3   C  Y N 128 
V5F CB   C  N N 129 
V5F N    N  N N 130 
V5F O    O  N N 131 
V5F O1   O  N N 132 
V5F H6   H  N N 133 
V5F H5   H  N N 134 
V5F H4   H  N N 135 
V5F H1   H  N N 136 
V5F H3   H  N N 137 
V5F HB1  H  N N 138 
V5F HB2  H  N N 139 
V5F HB3  H  N N 140 
V5F H    H  N N 141 
V5F OXT  O  N N 142 
V5F HXT  H  N N 143 
V5F H2   H  N N 144 
VNW N    N  N N 145 
VNW CA   C  Y N 146 
VNW C    C  N N 147 
VNW O    O  N N 148 
VNW NB   N  Y N 149 
VNW CG   C  Y N 150 
VNW CD   C  Y N 151 
VNW C06  C  Y N 152 
VNW C07  C  Y N 153 
VNW C08  C  Y N 154 
VNW C09  C  Y N 155 
VNW C12  C  Y N 156 
VNW C14  C  N N 157 
VNW C15  C  Y N 158 
VNW SE1  SE N N 159 
VNW H2   H  N N 160 
VNW H    H  N N 161 
VNW H07  H  N N 162 
VNW H08  H  N N 163 
VNW H09  H  N N 164 
VNW H14  H  N N 165 
VNW H15  H  N N 166 
VNW H16  H  N N 167 
VNW H17  H  N N 168 
VNW OXT  O  N N 169 
VNW HXT  H  N N 170 
# 
loop_
_chem_comp_bond.comp_id 
_chem_comp_bond.atom_id_1 
_chem_comp_bond.atom_id_2 
_chem_comp_bond.value_order 
_chem_comp_bond.pdbx_aromatic_flag 
_chem_comp_bond.pdbx_stereo_config 
_chem_comp_bond.pdbx_ordinal 
9JV O    C    doub N N 1   
9JV C    CA   sing N N 2   
9JV CA   N2   doub Y N 3   
9JV CA   C77  sing Y N 4   
9JV N2   C81  sing Y N 5   
9JV N    C82  sing N N 6   
9JV C77  C76  doub Y N 7   
9JV C81  C82  doub Y N 8   
9JV C81  C80  sing Y N 9   
9JV C82  C83  sing Y N 10  
9JV C76  C80  sing Y N 11  
9JV C76  O15  sing N N 12  
9JV C80  C79  doub Y N 13  
9JV C83  C84  doub Y N 14  
9JV C103 O15  sing N N 15  
9JV C79  C84  sing Y N 16  
9JV C    OXT  sing N N 17  
9JV C77  H1   sing N N 18  
9JV C79  H5   sing N N 19  
9JV C83  H3   sing N N 20  
9JV C84  H4   sing N N 21  
9JV N    H    sing N N 22  
9JV N    H2   sing N N 23  
9JV C103 H7   sing N N 24  
9JV C103 H8   sing N N 25  
9JV C103 H9   sing N N 26  
9JV OXT  HXT  sing N N 27  
QVE N    C2   sing N N 28  
QVE O    C    doub N N 29  
QVE C2   C3   doub Y N 30  
QVE C2   C7   sing Y N 31  
QVE N11  C7   doub Y N 32  
QVE N11  CA   sing Y N 33  
QVE C    CA   sing N N 34  
QVE C3   C4   sing Y N 35  
QVE C7   C6   sing Y N 36  
QVE CA   C9   doub Y N 37  
QVE C4   C5   doub Y N 38  
QVE C6   C5   sing Y N 39  
QVE C6   C8   doub Y N 40  
QVE C9   C8   sing Y N 41  
QVE C8   OB   sing N N 42  
QVE CG   OB   sing N N 43  
QVE CG   CD   sing N N 44  
QVE OE2  CD   doub N N 45  
QVE CD   OE1  sing N N 46  
QVE N    H2   sing N N 47  
QVE N    H    sing N N 48  
QVE C9   H4   sing N N 49  
QVE CG   H5   sing N N 50  
QVE CG   H6   sing N N 51  
QVE OE1  H7   sing N N 52  
QVE C5   H8   sing N N 53  
QVE C4   H9   sing N N 54  
QVE C3   H10  sing N N 55  
QVE C    OXT  sing N N 56  
QVE OXT  HXT  sing N N 57  
V4F CAK  CAG  doub Y N 58  
V4F CAK  CAJ  sing Y N 59  
V4F CA   CAJ  sing N N 60  
V4F CA   N    sing N N 61  
V4F CAG  CAI  sing Y N 62  
V4F CAJ  CAM  doub Y N 63  
V4F CAI  CAL  doub Y N 64  
V4F CAM  CAL  sing Y N 65  
V4F CAM  NAH  sing Y N 66  
V4F CAL  CAF  sing Y N 67  
V4F NAH  CAE  doub Y N 68  
V4F CAF  O01  sing N N 69  
V4F CAF  CAD  doub Y N 70  
V4F O1   P    doub N N 71  
V4F O01  C01  sing N N 72  
V4F CAE  CAD  sing Y N 73  
V4F CAE  C    sing N N 74  
V4F C    O    doub N N 75  
V4F P    C01  sing N N 76  
V4F P    O3   sing N N 77  
V4F P    O2   sing N N 78  
V4F CAD  HAD  sing N N 79  
V4F CAK  HAK  sing N N 80  
V4F CAG  HAG  sing N N 81  
V4F CAI  HAI  sing N N 82  
V4F C01  H3   sing N N 83  
V4F CA   HA1  sing N N 84  
V4F CA   HA2  sing N N 85  
V4F N    H    sing N N 86  
V4F N    H2   sing N N 87  
V4F O3   HPO3 sing N N 88  
V4F O2   HPO2 sing N N 89  
V4F C    OXT  sing N N 90  
V4F C01  H1   sing N N 91  
V4F OXT  HXT  sing N N 92  
V53 O    C    doub N N 93  
V53 C    CAJ  sing N N 94  
V53 CAJ  CAD  doub Y N 95  
V53 CAJ  NAH  sing Y N 96  
V53 O1   P    doub N N 97  
V53 CAD  CAF  sing Y N 98  
V53 C01  P    sing N N 99  
V53 C01  O01  sing N N 100 
V53 NAH  CAM  doub Y N 101 
V53 P    O3   sing N N 102 
V53 P    O2   sing N N 103 
V53 CAF  O01  sing N N 104 
V53 CAF  CAL  doub Y N 105 
V53 CAM  CAL  sing Y N 106 
V53 CAM  CA   sing Y N 107 
V53 CAL  CAI  sing Y N 108 
V53 N    CA   sing N N 109 
V53 CA   CAK  doub Y N 110 
V53 CAI  CAG  doub Y N 111 
V53 CAK  CAG  sing Y N 112 
V53 CAK  HAK  sing N N 113 
V53 CAG  HAG  sing N N 114 
V53 CAI  HAI  sing N N 115 
V53 N    H    sing N N 116 
V53 C    OXT  sing N N 117 
V53 OXT  HXT  sing N N 118 
V53 H2   N    sing N N 119 
V53 CAD  HAD  sing N N 120 
V53 O2   HPO2 sing N N 121 
V53 O3   HPO3 sing N N 122 
V53 C01  H1   sing N N 123 
V53 C01  H3   sing N N 124 
V5F C3   C2   doub Y N 125 
V5F C3   C4   sing Y N 126 
V5F C2   C1   sing Y N 127 
V5F C4   C5   doub Y N 128 
V5F CB   C6   sing N N 129 
V5F C6   O1   sing N N 130 
V5F C6   C    sing N N 131 
V5F C1   CA   doub Y N 132 
V5F C1   O1   sing N N 133 
V5F C5   CA   sing Y N 134 
V5F O    C    doub N N 135 
V5F CA   N    sing N N 136 
V5F C6   H6   sing N N 137 
V5F C2   H5   sing N N 138 
V5F C5   H4   sing N N 139 
V5F C4   H1   sing N N 140 
V5F C3   H3   sing N N 141 
V5F CB   HB1  sing N N 142 
V5F CB   HB2  sing N N 143 
V5F CB   HB3  sing N N 144 
V5F N    H    sing N N 145 
V5F C    OXT  sing N N 146 
V5F OXT  HXT  sing N N 147 
V5F N    H2   sing N N 148 
VNW NB   CA   doub Y N 149 
VNW CG   NB   sing Y N 150 
VNW C06  CG   doub Y N 151 
VNW C08  C07  doub Y N 152 
VNW C09  C08  sing Y N 153 
VNW CD   C09  doub Y N 154 
VNW N    CD   sing N N 155 
VNW C07  C06  sing Y N 156 
VNW C12  C06  sing Y N 157 
VNW C14  SE1  sing N N 158 
VNW SE1  C12  sing N N 159 
VNW C15  C12  doub Y N 160 
VNW CA   C    sing N N 161 
VNW O    C    doub N N 162 
VNW CA   C15  sing Y N 163 
VNW CG   CD   sing Y N 164 
VNW N    H2   sing N N 165 
VNW N    H    sing N N 166 
VNW C07  H07  sing N N 167 
VNW C08  H08  sing N N 168 
VNW C09  H09  sing N N 169 
VNW C14  H14  sing N N 170 
VNW C14  H15  sing N N 171 
VNW C14  H16  sing N N 172 
VNW C15  H17  sing N N 173 
VNW C    OXT  sing N N 174 
VNW OXT  HXT  sing N N 175 
# 
_pdbx_audit_support.funding_organization   'German Research Foundation (DFG)' 
_pdbx_audit_support.country                Germany 
_pdbx_audit_support.grant_number           ? 
_pdbx_audit_support.ordinal                1 
# 
_pdbx_initial_refinement_model.id               1 
_pdbx_initial_refinement_model.entity_id_list   ? 
_pdbx_initial_refinement_model.type             other 
_pdbx_initial_refinement_model.source_name      Other 
_pdbx_initial_refinement_model.accession_code   ? 
_pdbx_initial_refinement_model.details          'Molecular Model' 
# 
_space_group.name_H-M_alt     'P 43 21 2' 
_space_group.name_Hall        'P 4nw 2abw' 
_space_group.IT_number        96 
_space_group.crystal_system   tetragonal 
_space_group.id               1 
# 
_atom_sites.entry_id                    8QHM 
_atom_sites.Cartn_transf_matrix[1][1]   ? 
_atom_sites.Cartn_transf_matrix[1][2]   ? 
_atom_sites.Cartn_transf_matrix[1][3]   ? 
_atom_sites.Cartn_transf_matrix[2][1]   ? 
_atom_sites.Cartn_transf_matrix[2][2]   ? 
_atom_sites.Cartn_transf_matrix[2][3]   ? 
_atom_sites.Cartn_transf_matrix[3][1]   ? 
_atom_sites.Cartn_transf_matrix[3][2]   ? 
_atom_sites.Cartn_transf_matrix[3][3]   ? 
_atom_sites.Cartn_transf_vector[1]      ? 
_atom_sites.Cartn_transf_vector[2]      ? 
_atom_sites.Cartn_transf_vector[3]      ? 
_atom_sites.Cartn_transform_axes        ? 
_atom_sites.fract_transf_matrix[1][1]   0.01342215 
_atom_sites.fract_transf_matrix[1][2]   0.00026672 
_atom_sites.fract_transf_matrix[1][3]   0.00129382 
_atom_sites.fract_transf_matrix[2][1]   0.00103594 
_atom_sites.fract_transf_matrix[2][2]   -0.01032164 
_atom_sites.fract_transf_matrix[2][3]   -0.00861915 
_atom_sites.fract_transf_matrix[3][1]   0.00072618 
_atom_sites.fract_transf_matrix[3][2]   0.00768694 
_atom_sites.fract_transf_matrix[3][3]   -0.00911802 
_atom_sites.fract_transf_vector[1]      0.295661 
_atom_sites.fract_transf_vector[2]      0.034833 
_atom_sites.fract_transf_vector[3]      0.166348 
_atom_sites.solution_primary            ? 
_atom_sites.solution_secondary          ? 
_atom_sites.solution_hydrogens          ? 
_atom_sites.special_details             ? 
# 
loop_
_atom_type.symbol 
_atom_type.scat_dispersion_real 
_atom_type.scat_dispersion_imag 
_atom_type.scat_Cromer_Mann_a1 
_atom_type.scat_Cromer_Mann_a2 
_atom_type.scat_Cromer_Mann_a3 
_atom_type.scat_Cromer_Mann_a4 
_atom_type.scat_Cromer_Mann_b1 
_atom_type.scat_Cromer_Mann_b2 
_atom_type.scat_Cromer_Mann_b3 
_atom_type.scat_Cromer_Mann_b4 
_atom_type.scat_Cromer_Mann_c 
_atom_type.scat_source 
_atom_type.scat_dispersion_source 
C   ? ? 3.54356  2.42580 ? ? 25.62398 1.50364  ? ? 0.0 
;2-Gaussian fit: Grosse-Kunstleve RW, Sauter NK, Adams PD: Newsletter of the IUCr Commission on Crystallographic Computing 2004, 3, 22-31.
;
? 
N   ? ? 6.96715  ?       ? ? 11.43723 ?        ? ? 0.0 
;1-Gaussian fit: Grosse-Kunstleve RW, Sauter NK, Adams PD: Newsletter of the IUCr Commission on Crystallographic Computing 2004, 3, 22-31.
;
? 
O   ? ? 7.96527  ?       ? ? 9.05267  ?        ? ? 0.0 
;1-Gaussian fit: Grosse-Kunstleve RW, Sauter NK, Adams PD: Newsletter of the IUCr Commission on Crystallographic Computing 2004, 3, 22-31.
;
? 
O1- ? ? 5.12366  3.84317 ? ? 3.49406  27.47979 ? ? 0.0 
;2-Gaussian fit: Grosse-Kunstleve RW, Sauter NK, Adams PD: Newsletter of the IUCr Commission on Crystallographic Computing 2004, 3, 22-31.
;
? 
P   ? ? 9.51135  5.44231 ? ? 1.42069  35.72801 ? ? 0.0 
;2-Gaussian fit: Grosse-Kunstleve RW, Sauter NK, Adams PD: Newsletter of the IUCr Commission on Crystallographic Computing 2004, 3, 22-31.
;
? 
SE  ? ? 33.79294 ?       ? ? 6.51140  ?        ? ? 0.0 
;1-Gaussian fit: Grosse-Kunstleve RW, Sauter NK, Adams PD: Newsletter of the IUCr Commission on Crystallographic Computing 2004, 3, 22-31.
;
? 
# 
loop_
_atom_site.group_PDB 
_atom_site.id 
_atom_site.type_symbol 
_atom_site.label_atom_id 
_atom_site.label_alt_id 
_atom_site.label_comp_id 
_atom_site.label_asym_id 
_atom_site.label_entity_id 
_atom_site.label_seq_id 
_atom_site.pdbx_PDB_ins_code 
_atom_site.Cartn_x 
_atom_site.Cartn_y 
_atom_site.Cartn_z 
_atom_site.occupancy 
_atom_site.B_iso_or_equiv 
_atom_site.pdbx_formal_charge 
_atom_site.auth_seq_id 
_atom_site.auth_comp_id 
_atom_site.auth_asym_id 
_atom_site.auth_atom_id 
_atom_site.pdbx_PDB_model_num 
HETATM 1   C  C    . V53 A 1 1  ? 2.28321   5.41290   -5.77000  1.000 11.54899 ?  1  V53 A C    1 
HETATM 2   C  CAF  . V53 A 1 1  ? 4.12080   8.61132   -7.00553  1.000 16.62145 ?  1  V53 A CAF  1 
HETATM 3   C  CAD  . V53 A 1 1  ? 3.94196   7.32826   -6.40404  1.000 11.22281 ?  1  V53 A CAD  1 
HETATM 4   C  CAJ  . V53 A 1 1  ? 2.62623   6.81654   -6.37309  1.000 11.20878 ?  1  V53 A CAJ  1 
HETATM 5   C  CAL  . V53 A 1 1  ? 2.99411   9.25533   -7.58445  1.000 13.24719 ?  1  V53 A CAL  1 
HETATM 6   C  CAM  . V53 A 1 1  ? 1.82139   8.64284   -7.56075  1.000 7.04371  ?  1  V53 A CAM  1 
HETATM 7   C  CA   . V53 A 1 1  ? 0.73574   9.26429   -8.09794  1.000 12.84442 ?  1  V53 A CA   1 
HETATM 8   C  CAK  . V53 A 1 1  ? 0.80277   10.53533  -8.71221  1.000 12.54339 ?  1  V53 A CAK  1 
HETATM 9   C  CAG  . V53 A 1 1  ? 1.97363   11.21410  -8.77941  1.000 7.00536  ?  1  V53 A CAG  1 
HETATM 10  C  CAI  . V53 A 1 1  ? 3.07587   10.54600  -8.19770  1.000 12.99581 ?  1  V53 A CAI  1 
HETATM 11  C  C01  . V53 A 1 1  ? 6.49437   8.53254   -6.91572  1.000 8.44386  ?  1  V53 A C01  1 
HETATM 12  N  NAH  . V53 A 1 1  ? 1.65957   7.51173   -6.94014  1.000 9.78856  ?  1  V53 A NAH  1 
HETATM 13  N  N    . V53 A 1 1  ? -0.52441  8.54134   -7.96908  1.000 15.23722 ?  1  V53 A N    1 
HETATM 14  O  O    . V53 A 1 1  ? 3.21181   4.62053   -5.42595  1.000 18.03640 ?  1  V53 A O    1 
HETATM 15  O  O01  . V53 A 1 1  ? 5.35379   9.30744   -7.07046  1.000 11.65951 ?  1  V53 A O01  1 
HETATM 16  O  O1   . V53 A 1 1  ? 9.04082   8.81053   -6.76967  1.000 14.69210 ?  1  V53 A O1   1 
HETATM 17  O  O2   . V53 A 1 1  ? 7.81086   10.99624  -6.08957  1.000 9.32017  -1 1  V53 A O2   1 
HETATM 18  O  O3   . V53 A 1 1  ? 8.05359   10.47949  -8.43251  1.000 7.30462  -1 1  V53 A O3   1 
HETATM 19  P  P    . V53 A 1 1  ? 7.89312   9.76592   -7.03707  1.000 14.03111 ?  1  V53 A P    1 
HETATM 20  C  C    . V4F A 1 2  ? -1.44009  8.83098   -4.22841  1.000 8.70479  ?  2  V4F A C    1 
HETATM 21  C  CAF  . V4F A 1 2  ? -3.65011  6.16861   -3.34943  1.000 17.09625 ?  2  V4F A CAF  1 
HETATM 22  C  CAD  . V4F A 1 2  ? -3.10407  7.37292   -3.58541  1.000 15.05748 ?  2  V4F A CAD  1 
HETATM 23  C  CAE  . V4F A 1 2  ? -1.78710  7.36519   -4.01427  1.000 14.18541 ?  2  V4F A CAE  1 
HETATM 24  C  CAL  . V4F A 1 2  ? -2.93761  5.00407   -3.59016  1.000 16.86687 ?  2  V4F A CAL  1 
HETATM 25  C  CAM  . V4F A 1 2  ? -1.63217  5.05283   -4.07229  1.000 11.83396 ?  2  V4F A CAM  1 
HETATM 26  C  CAJ  . V4F A 1 2  ? -0.88866  3.85604   -4.34890  1.000 12.50637 ?  2  V4F A CAJ  1 
HETATM 27  C  CAK  . V4F A 1 2  ? -1.46479  2.61207   -4.08566  1.000 6.96537  ?  2  V4F A CAK  1 
HETATM 28  C  CAG  . V4F A 1 2  ? -2.79162  2.60448   -3.57989  1.000 13.83145 ?  2  V4F A CAG  1 
HETATM 29  C  CAI  . V4F A 1 2  ? -3.55236  3.74927   -3.33726  1.000 15.11487 ?  2  V4F A CAI  1 
HETATM 30  C  C01  . V4F A 1 2  ? -5.10359  6.92407   -1.65538  1.000 19.16984 ?  2  V4F A C01  1 
HETATM 31  C  CA   . V4F A 1 2  ? 0.62406   3.83468   -4.86682  1.000 17.16803 ?  2  V4F A CA   1 
HETATM 32  N  NAH  . V4F A 1 2  ? -1.12761  6.25365   -4.25684  1.000 9.46058  ?  2  V4F A NAH  1 
HETATM 33  N  N    . V4F A 1 2  ? 1.01769   5.06801   -5.54736  1.000 13.03024 ?  2  V4F A N    1 
HETATM 34  O  O    . V4F A 1 2  ? -2.49509  9.36479   -4.58139  1.000 16.95984 ?  2  V4F A O    1 
HETATM 35  O  O01  . V4F A 1 2  ? -4.98013  6.22888   -2.84575  1.000 20.41489 ?  2  V4F A O01  1 
HETATM 36  O  O3   . V4F A 1 2  ? -7.41812  7.95971   -0.87582  1.000 25.04381 -1 2  V4F A O3   1 
HETATM 37  O  O2   . V4F A 1 2  ? -7.48738  5.56164   -1.97211  1.000 8.06927  -1 2  V4F A O2   1 
HETATM 38  O  O1   . V4F A 1 2  ? -6.72457  5.92642   0.37539   1.000 20.48983 ?  2  V4F A O1   1 
HETATM 39  P  P    . V4F A 1 2  ? -6.79795  6.53750   -1.00456  1.000 31.01278 ?  2  V4F A P    1 
HETATM 40  C  C    . V53 A 1 3  ? 3.64105   6.70015   -2.32676  1.000 9.79321  ?  3  V53 A C    1 
HETATM 41  C  CAF  . V53 A 1 3  ? 4.63456   10.08179  -3.40380  1.000 10.55933 ?  3  V53 A CAF  1 
HETATM 42  C  CAD  . V53 A 1 3  ? 4.87293   8.80579   -2.87551  1.000 5.69305  ?  3  V53 A CAD  1 
HETATM 43  C  CAJ  . V53 A 1 3  ? 3.69764   8.09784   -2.87405  1.000 13.03656 ?  3  V53 A CAJ  1 
HETATM 44  C  CAL  . V53 A 1 3  ? 3.32329   10.59437  -3.80407  1.000 12.54932 ?  3  V53 A CAL  1 
HETATM 45  C  CAM  . V53 A 1 3  ? 2.19122   9.81397   -3.74854  1.000 9.64885  ?  3  V53 A CAM  1 
HETATM 46  C  CA   . V53 A 1 3  ? 0.88894   10.29428  -4.16250  1.000 10.89621 ?  3  V53 A CA   1 
HETATM 47  C  CAK  . V53 A 1 3  ? 0.70333   11.61220  -4.66153  1.000 7.23943  ?  3  V53 A CAK  1 
HETATM 48  C  CAG  . V53 A 1 3  ? 1.81539   12.41579  -4.71008  1.000 5.91229  ?  3  V53 A CAG  1 
HETATM 49  C  CAI  . V53 A 1 3  ? 3.09471   11.92411  -4.28486  1.000 10.71107 ?  3  V53 A CAI  1 
HETATM 50  C  C01  . V53 A 1 3  ? 7.02187   10.54750  -3.51740  1.000 17.62583 ?  3  V53 A C01  1 
HETATM 51  N  NAH  . V53 A 1 3  ? 2.45296   8.59027   -3.24361  1.000 12.26947 ?  3  V53 A NAH  1 
HETATM 52  N  N    . V53 A 1 3  ? -0.29223  9.47672   -4.08424  1.000 5.08938  ?  3  V53 A N    1 
HETATM 53  O  O    . V53 A 1 3  ? 4.57876   6.32468   -1.63512  1.000 8.54662  ?  3  V53 A O    1 
HETATM 54  O  O01  . V53 A 1 3  ? 5.68593   10.99187  -3.50357  1.000 13.97796 ?  3  V53 A O01  1 
HETATM 55  O  O1   . V53 A 1 3  ? 9.04977   11.57358  -2.15649  1.000 30.95127 ?  3  V53 A O1   1 
HETATM 56  O  O2   . V53 A 1 3  ? 7.28392   13.24810  -2.55139  1.000 6.64905  -1 3  V53 A O2   1 
HETATM 57  O  O3   . V53 A 1 3  ? 8.58399   12.76270  -4.42018  1.000 20.45984 -1 3  V53 A O3   1 
HETATM 58  P  P    . V53 A 1 3  ? 8.04013   12.14011  -3.15350  1.000 33.25748 ?  3  V53 A P    1 
HETATM 59  C  C    . V4F A 1 4  ? -1.19849  7.46881   -0.54296  1.000 11.75431 ?  4  V4F A C    1 
HETATM 60  C  CAF  . V4F A 1 4  ? -1.77171  3.72821   -0.46392  1.000 12.34895 ?  4  V4F A CAF  1 
HETATM 61  C  CAD  . V4F A 1 4  ? -1.93209  5.10203   -0.46719  1.000 14.28708 ?  4  V4F A CAD  1 
HETATM 62  C  CAE  . V4F A 1 4  ? -0.87171  6.00423   -0.64948  1.000 10.22095 ?  4  V4F A CAE  1 
HETATM 63  C  CAL  . V4F A 1 4  ? -0.48623  3.35104   -0.76571  1.000 12.19567 ?  4  V4F A CAL  1 
HETATM 64  C  CAM  . V4F A 1 4  ? 0.51863   4.29764   -0.99565  1.000 12.54270 ?  4  V4F A CAM  1 
HETATM 65  C  CAJ  . V4F A 1 4  ? 1.83987   3.99094   -1.24421  1.000 9.57575  ?  4  V4F A CAJ  1 
HETATM 66  C  CAK  . V4F A 1 4  ? 2.20721   2.66398   -1.32690  1.000 10.83403 ?  4  V4F A CAK  1 
HETATM 67  C  CAG  . V4F A 1 4  ? 1.20103   1.69929   -1.11423  1.000 19.18402 ?  4  V4F A CAG  1 
HETATM 68  C  CAI  . V4F A 1 4  ? -0.14188  2.00965   -0.82183  1.000 13.02154 ?  4  V4F A CAI  1 
HETATM 69  C  C01  . V4F A 1 4  ? -3.64474  2.37806   0.71767   1.000 14.50598 ?  4  V4F A C01  1 
HETATM 70  C  CA   . V4F A 1 4  ? 2.86054   5.16371   -1.44690  1.000 12.39901 ?  4  V4F A CA   1 
HETATM 71  N  NAH  . V4F A 1 4  ? 0.24895   5.59239   -0.94852  1.000 12.61831 ?  4  V4F A NAH  1 
HETATM 72  N  N    . V4F A 1 4  ? 2.61460   5.95203   -2.71979  1.000 11.64622 ?  4  V4F A N    1 
HETATM 73  O  O    . V4F A 1 4  ? -2.42875  7.69728   -0.73484  1.000 20.82093 ?  4  V4F A O    1 
HETATM 74  O  O01  . V4F A 1 4  ? -2.87348  2.79170   -0.34685  1.000 10.99578 ?  4  V4F A O01  1 
HETATM 75  O  O3   . V4F A 1 4  ? -5.22799  1.79941   -1.53156  1.000 29.64745 -1 4  V4F A O3   1 
HETATM 76  O  O2   . V4F A 1 4  ? -6.35467  2.78348   0.50766   1.000 38.94153 -1 4  V4F A O2   1 
HETATM 77  O  O1   . V4F A 1 4  ? -5.65613  0.43733   0.27728   1.000 30.21798 ?  4  V4F A O1   1 
HETATM 78  P  P    . V4F A 1 4  ? -5.27495  1.83570   0.00638   1.000 44.05320 ?  4  V4F A P    1 
HETATM 79  C  C    . V53 A 1 5  ? 4.55998   8.84188   0.54187   1.000 9.62285  ?  5  V53 A C    1 
HETATM 80  C  CAF  . V53 A 1 5  ? 2.86158   12.12053  -0.11204  1.000 16.01163 ?  5  V53 A CAF  1 
HETATM 81  C  CAD  . V53 A 1 5  ? 3.92375   11.22520  0.14842   1.000 15.77464 ?  5  V53 A CAD  1 
HETATM 82  C  CAJ  . V53 A 1 5  ? 3.56041   9.86520   0.14012   1.000 14.93558 ?  5  V53 A CAJ  1 
HETATM 83  C  CAL  . V53 A 1 5  ? 1.54995   11.67120  -0.27494  1.000 13.46599 ?  5  V53 A CAL  1 
HETATM 84  C  CAM  . V53 A 1 5  ? 1.26512   10.32065  -0.19642  1.000 11.76793 ?  5  V53 A CAM  1 
HETATM 85  C  CA   . V53 A 1 5  ? -0.04651  9.90952   -0.38635  1.000 11.66708 ?  5  V53 A CA   1 
HETATM 86  C  CAK  . V53 A 1 5  ? -1.00330  10.88050  -0.65383  1.000 9.25374  ?  5  V53 A CAK  1 
HETATM 87  C  CAG  . V53 A 1 5  ? -0.67586  12.24082  -0.71250  1.000 4.64811  ?  5  V53 A CAG  1 
HETATM 88  C  CAI  . V53 A 1 5  ? 0.59925   12.66372  -0.53898  1.000 7.30469  ?  5  V53 A CAI  1 
HETATM 89  C  C01  . V53 A 1 5  ? 3.60441   14.23279  0.78056   1.000 12.30943 ?  5  V53 A C01  1 
HETATM 90  N  NAH  . V53 A 1 5  ? 2.25757   9.44767   0.01476   1.000 11.94739 ?  5  V53 A NAH  1 
HETATM 91  N  N    . V53 A 1 5  ? -0.41475  8.52280   -0.27263  1.000 8.56422  ?  5  V53 A N    1 
HETATM 92  O  O    . V53 A 1 5  ? 5.72196   9.11637   0.87465   1.000 5.86631  ?  5  V53 A O    1 
HETATM 93  O  O01  . V53 A 1 5  ? 2.96171   13.50115  -0.24960  1.000 13.62963 ?  5  V53 A O01  1 
HETATM 94  O  O1   . V53 A 1 5  ? 4.73696   16.31691  0.50091   1.000 16.53501 ?  5  V53 A O1   1 
HETATM 95  O  O2   . V53 A 1 5  ? 2.07363   16.74816  0.50614   1.000 21.10782 -1 5  V53 A O2   1 
HETATM 96  O  O3   . V53 A 1 5  ? 3.14775   15.70891  -1.54165  1.000 29.67984 -1 5  V53 A O3   1 
HETATM 97  P  P    . V53 A 1 5  ? 3.32920   15.91267  0.00198   1.000 63.27578 ?  5  V53 A P    1 
HETATM 98  C  C    . V4F A 1 6  ? 0.47654   7.41732   2.63380   1.000 15.03426 ?  6  V4F A C    1 
HETATM 99  C  CAF  . V4F A 1 6  ? 1.68955   3.94650   2.57751   1.000 11.26414 ?  6  V4F A CAF  1 
HETATM 100 C  CAD  . V4F A 1 6  ? 0.91636   5.06699   2.72626   1.000 15.28364 ?  6  V4F A CAD  1 
HETATM 101 C  CAE  . V4F A 1 6  ? 1.49010   6.33890   2.53170   1.000 16.25463 ?  6  V4F A CAE  1 
HETATM 102 C  CAL  . V4F A 1 6  ? 2.93920   4.09775   2.13479   1.000 11.84030 ?  6  V4F A CAL  1 
HETATM 103 C  CAM  . V4F A 1 6  ? 3.41231   5.40228   1.87890   1.000 19.08242 ?  6  V4F A CAM  1 
HETATM 104 C  CAJ  . V4F A 1 6  ? 4.70680   5.60810   1.45348   1.000 14.08478 ?  6  V4F A CAJ  1 
HETATM 105 C  CAK  . V4F A 1 6  ? 5.56982   4.50991   1.29601   1.000 9.01540  ?  6  V4F A CAK  1 
HETATM 106 C  CAG  . V4F A 1 6  ? 5.05496   3.22356   1.59227   1.000 17.57423 ?  6  V4F A CAG  1 
HETATM 107 C  CAI  . V4F A 1 6  ? 3.75749   2.95336   1.99385   1.000 14.63936 ?  6  V4F A CAI  1 
HETATM 108 C  C01  . V4F A 1 6  ? -0.05573  2.65593   3.47022   1.000 24.66369 ?  6  V4F A C01  1 
HETATM 109 C  CA   . V4F A 1 6  ? 5.06343   7.11674   1.23390   1.000 12.44754 ?  6  V4F A CA   1 
HETATM 110 N  NAH  . V4F A 1 6  ? 2.66953   6.51174   2.07181   1.000 16.61912 ?  6  V4F A NAH  1 
HETATM 111 N  N    . V4F A 1 6  ? 4.07856   7.64322   0.31255   1.000 12.84348 ?  6  V4F A N    1 
HETATM 112 O  O    . V4F A 1 6  ? -0.64751  6.92774   2.37775   1.000 11.53430 ?  6  V4F A O    1 
HETATM 113 O  O01  . V4F A 1 6  ? 1.20885   2.65469   2.83841   1.000 17.48460 ?  6  V4F A O01  1 
HETATM 114 O  O3   . V4F A 1 6  ? -1.82326  0.46950   3.47179   1.000 13.84042 -1 6  V4F A O3   1 
HETATM 115 O  O2   . V4F A 1 6  ? 0.57157   0.00698   2.87366   1.000 19.64426 -1 6  V4F A O2   1 
HETATM 116 O  O1   . V4F A 1 6  ? -0.01778  0.63422   5.24332   1.000 24.53875 ?  6  V4F A O1   1 
HETATM 117 P  P    . V4F A 1 6  ? -0.34757  0.84271   3.81254   1.000 38.13896 ?  6  V4F A P    1 
HETATM 118 C  C    . V53 A 1 7  ? 5.46152   9.87488   4.48375   1.000 18.59120 ?  7  V53 A C    1 
HETATM 119 C  CAF  . V53 A 1 7  ? 3.20593   12.89645  4.01135   1.000 23.04195 ?  7  V53 A CAF  1 
HETATM 120 C  CAD  . V53 A 1 7  ? 4.40129   12.21080  4.30659   1.000 15.56237 ?  7  V53 A CAD  1 
HETATM 121 C  CAJ  . V53 A 1 7  ? 4.35788   10.85505  4.11114   1.000 14.14494 ?  7  V53 A CAJ  1 
HETATM 122 C  CAL  . V53 A 1 7  ? 2.03587   12.26021  3.56785   1.000 21.60339 ?  7  V53 A CAL  1 
HETATM 123 C  CAM  . V53 A 1 7  ? 2.03152   10.88767  3.42631   1.000 19.93806 ?  7  V53 A CAM  1 
HETATM 124 C  CA   . V53 A 1 7  ? 0.81798   10.19053  2.97929   1.000 16.34479 ?  7  V53 A CA   1 
HETATM 125 C  CAK  . V53 A 1 7  ? -0.31770  10.96553  2.72069   1.000 16.73787 ?  7  V53 A CAK  1 
HETATM 126 C  CAG  . V53 A 1 7  ? -0.28376  12.38574  2.85406   1.000 16.07277 ?  7  V53 A CAG  1 
HETATM 127 C  CAI  . V53 A 1 7  ? 0.89437   13.04100  3.27540   1.000 16.69993 ?  7  V53 A CAI  1 
HETATM 128 C  C01  . V53 A 1 7  ? 4.11798   15.07863  4.48105   1.000 20.94371 ?  7  V53 A C01  1 
HETATM 129 N  NAH  . V53 A 1 7  ? 3.21842   10.28151  3.77431   1.000 20.29424 ?  7  V53 A NAH  1 
HETATM 130 N  N    . V53 A 1 7  ? 0.68917   8.72567   2.84944   1.000 16.12297 ?  7  V53 A N    1 
HETATM 131 O  O    . V53 A 1 7  ? 6.45652   10.30478  5.13256   1.000 27.02997 ?  7  V53 A O    1 
HETATM 132 O  O01  . V53 A 1 7  ? 3.06687   14.28336  4.01001   1.000 26.73123 ?  7  V53 A O01  1 
HETATM 133 O  O1   . V53 A 1 7  ? 1.67630   15.56908  5.52487   1.000 25.75183 -1 7  V53 A O1   1 
HETATM 134 O  O2   . V53 A 1 7  ? 2.13300   16.91030  3.55667   1.000 33.09175 -1 7  V53 A O2   1 
HETATM 135 O  O3   . V53 A 1 7  ? 3.40641   17.41537  5.64312   1.000 34.68580 ?  7  V53 A O3   1 
HETATM 136 P  P    . V53 A 1 7  ? 2.79876   16.32531  4.81343   1.000 45.07782 ?  7  V53 A P    1 
HETATM 137 C  C    . V4F A 1 8  ? 1.52962   6.52043   5.52724   1.000 20.87831 ?  8  V4F A C    1 
HETATM 138 C  CAF  . V4F A 1 8  ? 4.10144   3.83022   5.36357   1.000 21.20902 ?  8  V4F A CAF  1 
HETATM 139 C  CAD  . V4F A 1 8  ? 2.87888   4.48125   5.49301   1.000 13.48555 ?  8  V4F A CAD  1 
HETATM 140 C  CAE  . V4F A 1 8  ? 2.93273   5.84345   5.37547   1.000 14.44433 ?  8  V4F A CAE  1 
HETATM 141 C  CAL  . V4F A 1 8  ? 5.24503   4.53392   5.06370   1.000 13.51986 ?  8  V4F A CAL  1 
HETATM 142 C  CAM  . V4F A 1 8  ? 5.22971   5.88912   4.91730   1.000 13.73759 ?  8  V4F A CAM  1 
HETATM 143 C  CAJ  . V4F A 1 8  ? 6.42617   6.60051   4.61836   1.000 9.36431  ?  8  V4F A CAJ  1 
HETATM 144 C  CAK  . V4F A 1 8  ? 7.59078   5.95258   4.47882   1.000 13.76556 ?  8  V4F A CAK  1 
HETATM 145 C  CAG  . V4F A 1 8  ? 7.63384   4.52944   4.59285   1.000 18.04449 ?  8  V4F A CAG  1 
HETATM 146 C  CAI  . V4F A 1 8  ? 6.45828   3.82069   4.87457   1.000 17.32451 ?  8  V4F A CAI  1 
HETATM 147 C  C01  . V4F A 1 8  ? 2.88901   1.82945   5.41144   1.000 18.62992 ?  8  V4F A C01  1 
HETATM 148 C  CA   . V4F A 1 8  ? 6.65909   8.05040   4.42163   1.000 8.74930  ?  8  V4F A CA   1 
HETATM 149 N  NAH  . V4F A 1 8  ? 4.03735   6.42679   5.06891   1.000 12.90327 ?  8  V4F A NAH  1 
HETATM 150 N  N    . V4F A 1 8  ? 5.41383   8.66971   3.91663   1.000 23.80046 ?  8  V4F A N    1 
HETATM 151 O  O    . V4F A 1 8  ? 0.63699   5.70920   5.25369   1.000 18.36890 ?  8  V4F A O    1 
HETATM 152 O  O01  . V4F A 1 8  ? 4.17194   2.37592   5.47406   1.000 18.98533 ?  8  V4F A O01  1 
HETATM 153 O  O3   . V4F A 1 8  ? 2.38644   -0.98274  5.18024   1.000 20.68984 -1 8  V4F A O3   1 
HETATM 154 O  O2   . V4F A 1 8  ? 4.78860   0.00521   5.06759   1.000 26.77016 -1 8  V4F A O2   1 
HETATM 155 O  O1   . V4F A 1 8  ? 3.62401   -0.12815  7.13628   1.000 45.93110 ?  8  V4F A O1   1 
HETATM 156 P  P    . V4F A 1 8  ? 3.40345   0.08460   5.67095   1.000 26.80886 ?  8  V4F A P    1 
HETATM 157 C  C    . V53 A 1 9  ? 4.31965   11.79688  7.58933   1.000 26.57502 ?  9  V53 A C    1 
HETATM 158 C  CAF  . V53 A 1 9  ? 0.54973   12.50574  7.11023   1.000 32.59717 ?  9  V53 A CAF  1 
HETATM 159 C  CAD  . V53 A 1 9  ? 1.93216   12.84825  7.42608   1.000 17.77749 ?  9  V53 A CAD  1 
HETATM 160 C  CAJ  . V53 A 1 9  ? 2.80895   11.79050  7.24128   1.000 18.08132 ?  9  V53 A CAJ  1 
HETATM 161 C  CAL  . V53 A 1 9  ? 0.11896   11.23891  6.66271   1.000 23.20104 ?  9  V53 A CAL  1 
HETATM 162 C  CAM  . V53 A 1 9  ? 0.99973   10.24137  6.52125   1.000 16.34132 ?  9  V53 A CAM  1 
HETATM 163 C  CA   . V53 A 1 9  ? 0.45864   8.99969   6.12116   1.000 12.37727 ?  9  V53 A CA   1 
HETATM 164 C  CAK  . V53 A 1 9  ? -0.89048  8.90063   5.90322   1.000 25.07741 ?  9  V53 A CAK  1 
HETATM 165 C  CAG  . V53 A 1 9  ? -1.79449  9.96064   6.02493   1.000 27.01984 ?  9  V53 A CAG  1 
HETATM 166 C  CAI  . V53 A 1 9  ? -1.26796  11.16341  6.40799   1.000 21.73258 ?  9  V53 A CAI  1 
HETATM 167 C  C01  . V53 A 1 9  ? -0.59255  14.45608  7.81097   1.000 23.91903 ?  9  V53 A C01  1 
HETATM 168 N  NAH  . V53 A 1 9  ? 2.29665   10.58704  6.82523   1.000 26.26311 ?  9  V53 A NAH  1 
HETATM 169 N  N    . V53 A 1 9  ? 1.13742   7.76178   5.87768   1.000 17.28199 ?  9  V53 A N    1 
HETATM 170 O  O    . V53 A 1 9  ? 4.92281   12.81924  8.05492   1.000 23.93331 ?  9  V53 A O    1 
HETATM 171 O  O01  . V53 A 1 9  ? -0.65739  13.28074  7.13645   1.000 24.75060 ?  9  V53 A O01  1 
HETATM 172 O  O1   . V53 A 1 9  ? -3.32561  14.89021  8.04615   1.000 16.56808 -1 9  V53 A O1   1 
HETATM 173 O  O2   . V53 A 1 9  ? -1.72726  16.67438  7.06834   1.000 29.74590 ?  9  V53 A O2   1 
HETATM 174 O  O3   . V53 A 1 9  ? -2.28659  14.77822  5.65404   1.000 31.63130 -1 9  V53 A O3   1 
HETATM 175 P  P    . V53 A 1 9  ? -2.13374  15.21502  7.09313   1.000 38.19188 ?  9  V53 A P    1 
HETATM 176 C  C    . V4F A 1 10 ? 3.41374   6.69371   8.82266   1.000 14.11827 ?  10 V4F A C    1 
HETATM 177 C  CAF  . V4F A 1 10 ? 7.02671   6.08813   8.15610   1.000 17.46495 ?  10 V4F A CAF  1 
HETATM 178 C  CAD  . V4F A 1 10 ? 5.68978   5.93749   8.42380   1.000 12.49021 ?  10 V4F A CAD  1 
HETATM 179 C  CAE  . V4F A 1 10 ? 4.90447   7.04718   8.59405   1.000 17.71371 ?  10 V4F A CAE  1 
HETATM 180 C  CAL  . V4F A 1 10 ? 7.53340   7.36140   7.96149   1.000 12.70451 ?  10 V4F A CAL  1 
HETATM 181 C  CAM  . V4F A 1 10 ? 6.70984   8.42632   8.08865   1.000 13.29651 ?  10 V4F A CAM  1 
HETATM 182 C  CAJ  . V4F A 1 10 ? 7.11549   9.71943   7.88064   1.000 17.79984 ?  10 V4F A CAJ  1 
HETATM 183 C  CAK  . V4F A 1 10 ? 8.46324   10.01812  7.56085   1.000 21.59212 ?  10 V4F A CAK  1 
HETATM 184 C  CAG  . V4F A 1 10 ? 9.37318   8.91872   7.47263   1.000 24.46490 ?  10 V4F A CAG  1 
HETATM 185 C  CAI  . V4F A 1 10 ? 8.90635   7.59142   7.65370   1.000 19.34336 ?  10 V4F A CAI  1 
HETATM 186 C  C01  . V4F A 1 10 ? 6.99815   3.81349   8.48422   1.000 11.75199 ?  10 V4F A C01  1 
HETATM 187 C  CA   . V4F A 1 10 ? 6.06726   10.85270  8.02981   1.000 19.51481 ?  10 V4F A CA   1 
HETATM 188 N  NAH  . V4F A 1 10 ? 5.44481   8.22754   8.37356   1.000 25.57442 ?  10 V4F A NAH  1 
HETATM 189 N  N    . V4F A 1 10 ? 4.96172   10.73662  7.07644   1.000 25.05636 ?  10 V4F A N    1 
HETATM 190 O  O    . V4F A 1 10 ? 3.08975   5.51586   8.97158   1.000 18.20678 ?  10 V4F A O    1 
HETATM 191 O  O01  . V4F A 1 10 ? 7.78343   4.84691   8.05299   1.000 13.59757 ?  10 V4F A O01  1 
HETATM 192 O  O3   . V4F A 1 10 ? 8.31695   2.49432   6.53662   1.000 30.05691 ?  10 V4F A O3   1 
HETATM 193 O  O2   . V4F A 1 10 ? 9.36238   2.79736   8.71287   1.000 33.30737 -1 10 V4F A O2   1 
HETATM 194 O  O1   . V4F A 1 10 ? 7.52633   1.06102   8.29513   1.000 15.69418 -1 10 V4F A O1   1 
HETATM 195 P  P    . V4F A 1 10 ? 8.07879   2.46019   8.01448   1.000 31.40184 ?  10 V4F A P    1 
HETATM 196 C  C    . V53 A 1 11 ? 3.56885   12.44861  10.66249  1.000 21.50131 ?  11 V53 A C    1 
HETATM 197 C  CAF  . V53 A 1 11 ? -0.00464  11.39277  10.39871  1.000 18.17958 ?  11 V53 A CAF  1 
HETATM 198 C  CAD  . V53 A 1 11 ? 1.13826   12.13615  10.67892  1.000 16.79355 ?  11 V53 A CAD  1 
HETATM 199 C  CAJ  . V53 A 1 11 ? 2.33942   11.58624  10.33663  1.000 21.52827 ?  11 V53 A CAJ  1 
HETATM 200 C  CAL  . V53 A 1 11 ? 0.05035   10.09446  9.88321   1.000 14.75363 ?  11 V53 A CAL  1 
HETATM 201 C  CAM  . V53 A 1 11 ? 1.23867   9.52845   9.66390   1.000 17.89292 ?  11 V53 A CAM  1 
HETATM 202 C  CA   . V53 A 1 11 ? 1.26643   8.18633   9.18402   1.000 14.69969 ?  11 V53 A CA   1 
HETATM 203 C  CAK  . V53 A 1 11 ? 0.15196   7.43074   8.98848   1.000 16.57723 ?  11 V53 A CAK  1 
HETATM 204 C  CAG  . V53 A 1 11 ? -1.04806  8.03623   9.30005   1.000 11.25156 ?  11 V53 A CAG  1 
HETATM 205 C  CAI  . V53 A 1 11 ? -1.07434  9.33043   9.75578   1.000 14.79432 ?  11 V53 A CAI  1 
HETATM 206 C  C01  . V53 A 1 11 ? -1.34751  13.34686  10.76221  1.000 24.17070 ?  11 V53 A C01  1 
HETATM 207 N  NAH  . V53 A 1 11 ? 2.34796   10.31056  9.88070   1.000 25.18222 ?  11 V53 A NAH  1 
HETATM 208 N  N    . V53 A 1 11 ? 2.45347   7.56350   8.86622   1.000 10.38994 ?  11 V53 A N    1 
HETATM 209 O  O    . V53 A 1 11 ? 3.38254   13.66983  10.90103  1.000 18.19156 ?  11 V53 A O    1 
HETATM 210 O  O01  . V53 A 1 11 ? -1.27052  11.93667  10.69183  1.000 26.08391 ?  11 V53 A O01  1 
HETATM 211 O  O1   . V53 A 1 11 ? -3.27507  12.89166  12.53889  1.000 41.56144 -1 11 V53 A O1   1 
HETATM 212 O  O2   . V53 A 1 11 ? -3.24504  15.19888  11.43522  1.000 30.25396 ?  11 V53 A O2   1 
HETATM 213 O  O3   . V53 A 1 11 ? -4.06347  13.34359  10.13070  1.000 27.72902 -1 11 V53 A O3   1 
HETATM 214 P  P    . V53 A 1 11 ? -3.09908  13.70525  11.25695  1.000 49.57054 ?  11 V53 A P    1 
HETATM 215 C  C    . V4F A 1 12 ? 4.43790   7.24794   12.17312  1.000 14.15146 ?  12 V4F A C    1 
HETATM 216 C  CAF  . V4F A 1 12 ? 8.01791   7.67246   11.16300  1.000 16.56737 ?  12 V4F A CAF  1 
HETATM 217 C  CAD  . V4F A 1 12 ? 6.85534   7.06332   11.48026  1.000 15.14587 ?  12 V4F A CAD  1 
HETATM 218 C  CAE  . V4F A 1 12 ? 5.78830   7.85353   11.80129  1.000 17.26383 ?  12 V4F A CAE  1 
HETATM 219 C  CAL  . V4F A 1 12 ? 8.17944   9.06720   11.11923  1.000 14.85593 ?  12 V4F A CAL  1 
HETATM 220 C  CAM  . V4F A 1 12 ? 7.06726   9.78412   11.45766  1.000 17.76064 ?  12 V4F A CAM  1 
HETATM 221 C  CAJ  . V4F A 1 12 ? 7.05793   11.17061  11.43217  1.000 20.57288 ?  12 V4F A CAJ  1 
HETATM 222 C  CAK  . V4F A 1 12 ? 8.27595   11.87568  11.05975  1.000 22.78463 ?  12 V4F A CAK  1 
HETATM 223 C  CAG  . V4F A 1 12 ? 9.46706   11.12553  10.68993  1.000 18.00352 ?  12 V4F A CAG  1 
HETATM 224 C  CAI  . V4F A 1 12 ? 9.44139   9.73793   10.70798  1.000 11.89797 ?  12 V4F A CAI  1 
HETATM 225 C  C01  . V4F A 1 12 ? 9.75214   6.12009   11.72539  1.000 14.48925 ?  12 V4F A C01  1 
HETATM 226 C  CA   . V4F A 1 12 ? 5.71884   11.83671  11.90320  1.000 10.02204 ?  12 V4F A CA   1 
HETATM 227 N  NAH  . V4F A 1 12 ? 5.95631   9.16020   11.77368  1.000 26.57836 ?  12 V4F A NAH  1 
HETATM 228 N  N    . V4F A 1 12 ? 4.76357   11.88333  10.90981  1.000 18.22806 ?  12 V4F A N    1 
HETATM 229 O  O    . V4F A 1 12 ? 4.27238   6.05707   11.83513  1.000 17.48524 ?  12 V4F A O    1 
HETATM 230 O  O01  . V4F A 1 12 ? 9.07330   6.77720   10.78464  1.000 21.35767 ?  12 V4F A O01  1 
HETATM 231 O  O3   . V4F A 1 12 ? 10.53716  4.99510   9.21464   1.000 47.22879 -1 12 V4F A O3   1 
HETATM 232 O  O2   . V4F A 1 12 ? 12.14652  5.60999   10.57705  1.000 32.71996 ?  12 V4F A O2   1 
HETATM 233 O  O1   . V4F A 1 12 ? 10.34162  3.62498   11.20052  1.000 11.57384 -1 12 V4F A O1   1 
HETATM 234 P  P    . V4F A 1 12 ? 10.78308  5.02233   10.68034  1.000 14.38818 ?  12 V4F A P    1 
HETATM 235 C  C    . V53 A 1 13 ? 1.70128   12.56408  14.60957  1.000 22.00258 ?  13 V53 A C    1 
HETATM 236 C  CAF  . V53 A 1 13 ? -0.72007  9.84610   13.44357  1.000 21.59893 ?  13 V53 A CAF  1 
HETATM 237 C  CAD  . V53 A 1 13 ? -0.22826  11.08149  13.89891  1.000 20.01900 ?  13 V53 A CAD  1 
HETATM 238 C  CAJ  . V53 A 1 13 ? 1.13290   11.18915  14.04553  1.000 14.84268 ?  13 V53 A CAJ  1 
HETATM 239 C  CAL  . V53 A 1 13 ? 0.08087   8.77626   13.15008  1.000 15.20212 ?  13 V53 A CAL  1 
HETATM 240 C  CAM  . V53 A 1 13 ? 1.43849   8.90166   13.28733  1.000 14.87234 ?  13 V53 A CAM  1 
HETATM 241 C  CA   . V53 A 1 13 ? 2.33496   7.78856   12.99242  1.000 16.51448 ?  13 V53 A CA   1 
HETATM 242 C  CAK  . V53 A 1 13 ? 1.66552   6.63454   12.58495  1.000 14.08814 ?  13 V53 A CAK  1 
HETATM 243 C  CAG  . V53 A 1 13 ? 0.27422   6.57641   12.46176  1.000 14.86784 ?  13 V53 A CAG  1 
HETATM 244 C  CAI  . V53 A 1 13 ? -0.56857  7.65827   12.74356  1.000 10.53898 ?  13 V53 A CAI  1 
HETATM 245 C  C01  . V53 A 1 13 ? -2.69324  10.13203  14.38990  1.000 25.63153 ?  13 V53 A C01  1 
HETATM 246 N  NAH  . V53 A 1 13 ? 1.85416   10.12371  13.77951  1.000 14.58527 ?  13 V53 A NAH  1 
HETATM 247 N  N    . V53 A 1 13 ? 3.85350   7.77552   13.23394  1.000 20.15439 ?  13 V53 A N    1 
HETATM 248 O  O    . V53 A 1 13 ? 0.83224   13.35660  15.04460  1.000 19.46268 ?  13 V53 A O    1 
HETATM 249 O  O01  . V53 A 1 13 ? -2.05947  9.63695   13.24694  1.000 32.41984 ?  13 V53 A O01  1 
HETATM 250 O  O1   . V53 A 1 13 ? -5.04159  9.80865   15.26609  1.000 36.63393 -1 13 V53 A O1   1 
HETATM 251 O  O2   . V53 A 1 13 ? -4.69758  8.69334   12.99769  1.000 22.70141 -1 13 V53 A O2   1 
HETATM 252 O  O3   . V53 A 1 13 ? -4.73519  11.16707  13.17124  1.000 30.91188 ?  13 V53 A O3   1 
HETATM 253 P  P    . V53 A 1 13 ? -4.43387  9.92004   13.89943  1.000 32.22166 ?  13 V53 A P    1 
HETATM 254 C  C    . V5F A 1 14 ? 7.09011   9.23275   15.71092  1.000 17.33330 ?  14 V5F A C    1 
HETATM 255 C  C6   . V5F A 1 14 ? 6.76027   10.75861  15.77280  1.000 15.07162 ?  14 V5F A C6   1 
HETATM 256 C  C2   . V5F A 1 14 ? 6.15615   13.01976  16.75040  1.000 16.76246 ?  14 V5F A C2   1 
HETATM 257 C  C1   . V5F A 1 14 ? 5.19495   12.49471  15.95285  1.000 17.77267 ?  14 V5F A C1   1 
HETATM 258 C  CA   . V5F A 1 14 ? 4.07454   13.28119  15.63358  1.000 13.11665 ?  14 V5F A CA   1 
HETATM 259 C  C5   . V5F A 1 14 ? 3.95508   14.54888  16.13873  1.000 15.69762 ?  14 V5F A C5   1 
HETATM 260 C  C4   . V5F A 1 14 ? 4.87740   15.11298  16.94824  1.000 21.06984 ?  14 V5F A C4   1 
HETATM 261 C  C3   . V5F A 1 14 ? 5.96767   14.30545  17.23915  1.000 33.60984 ?  14 V5F A C3   1 
HETATM 262 C  CB   . V5F A 1 14 ? 7.72485   11.25834  14.73388  1.000 9.77520  ?  14 V5F A CB   1 
HETATM 263 N  N    . V5F A 1 14 ? 2.98529   12.91214  14.78841  1.000 13.15835 ?  14 V5F A N    1 
HETATM 264 O  O    . V5F A 1 14 ? 8.35357   8.97292   15.70357  1.000 6.12759  ?  14 V5F A O    1 
HETATM 265 O  O1   . V5F A 1 14 ? 5.42839   11.19500  15.51037  1.000 17.78904 ?  14 V5F A O1   1 
HETATM 266 N  N    . VNW A 1 15 ? 6.20006   8.22974   15.69422  1.000 10.32909 ?  15 VNW A N    1 
HETATM 267 C  CA   . VNW A 1 15 ? 2.04437   7.60174   16.06928  1.000 11.17603 ?  15 VNW A CA   1 
HETATM 268 C  C    . VNW A 1 15 ? 1.03095   8.58314   16.45565  1.000 14.58241 ?  15 VNW A C    1 
HETATM 269 O  O    . VNW A 1 15 ? -0.02385  8.41472   15.82878  1.000 21.05201 ?  15 VNW A O    1 
HETATM 270 N  NB   . VNW A 1 15 ? 3.31167   7.82496   15.93559  1.000 12.22535 ?  15 VNW A NB   1 
HETATM 271 C  CG   . VNW A 1 15 ? 4.13463   6.82806   15.54450  1.000 17.94432 ?  15 VNW A CG   1 
HETATM 272 C  CD   . VNW A 1 15 ? 5.54953   6.99889   15.41527  1.000 14.36631 ?  15 VNW A CD   1 
HETATM 273 C  C06  . VNW A 1 15 ? 3.60961   5.55170   15.27228  1.000 12.59919 ?  15 VNW A C06  1 
HETATM 274 C  C07  . VNW A 1 15 ? 4.42629   4.48128   14.88884  1.000 11.77102 ?  15 VNW A C07  1 
HETATM 275 C  C08  . VNW A 1 15 ? 5.80678   4.65515   14.68933  1.000 11.67126 ?  15 VNW A C08  1 
HETATM 276 C  C09  . VNW A 1 15 ? 6.35385   5.89875   15.00227  1.000 13.60254 ?  15 VNW A C09  1 
HETATM 277 C  C12  . VNW A 1 15 ? 2.24449   5.29451   15.37853  1.000 19.79163 ?  15 VNW A C12  1 
HETATM 278 C  C14  . VNW A 1 15 ? -0.25059  3.51160   15.20604  1.000 8.18326  ?  15 VNW A C14  1 
HETATM 279 C  C15  . VNW A 1 15 ? 1.39842   6.36043   15.78500  1.000 17.84031 ?  15 VNW A C15  1 
HETATM 280 SE SE1  . VNW A 1 15 ? 1.66952   3.47010   14.90418  1.000 45.63074 ?  15 VNW A SE1  1 
HETATM 281 C  C    . 9JV A 1 16 ? 5.77372   11.34151  19.31291  1.000 24.37808 ?  16 9JV A C    1 
HETATM 282 C  C76  . 9JV A 1 16 ? 2.76860   13.63076  19.27921  1.000 27.55705 ?  16 9JV A C76  1 
HETATM 283 C  C77  . 9JV A 1 16 ? 4.04298   13.04881  19.47836  1.000 14.01320 ?  16 9JV A C77  1 
HETATM 284 C  CA   . 9JV A 1 16 ? 4.28294   11.68977  19.08268  1.000 21.48466 ?  16 9JV A CA   1 
HETATM 285 C  C79  . 9JV A 1 16 ? 0.52823   13.29862  18.52821  1.000 12.98468 ?  16 9JV A C79  1 
HETATM 286 C  C80  . 9JV A 1 16 ? 1.78960   12.79008  18.69589  1.000 19.08265 ?  16 9JV A C80  1 
HETATM 287 C  C81  . 9JV A 1 16 ? 2.05722   11.48839  18.37359  1.000 16.70185 ?  16 9JV A C81  1 
HETATM 288 C  C82  . 9JV A 1 16 ? 0.98572   10.80195  17.83136  1.000 15.49568 ?  16 9JV A C82  1 
HETATM 289 C  C83  . 9JV A 1 16 ? -0.25497  11.28953  17.65625  1.000 16.10497 ?  16 9JV A C83  1 
HETATM 290 C  C84  . 9JV A 1 16 ? -0.48978  12.56436  17.99848  1.000 17.04330 ?  16 9JV A C84  1 
HETATM 291 N  N2   . 9JV A 1 16 ? 3.30668   10.93586  18.54990  1.000 13.45066 ?  16 9JV A N2   1 
HETATM 292 N  N    . 9JV A 1 16 ? 1.13508   9.49254   17.39530  1.000 18.34226 ?  16 9JV A N    1 
HETATM 293 O  O    . 9JV A 1 16 ? 6.48051   12.38729  19.39166  1.000 17.21448 ?  16 9JV A O    1 
HETATM 294 O  O15  . 9JV A 1 16 ? 2.37672   14.96666  19.67419  1.000 38.33525 ?  16 9JV A O15  1 
HETATM 295 C  C103 . 9JV A 1 16 ? 2.02598   15.99963  18.75342  1.000 30.66984 ?  16 9JV A C103 1 
HETATM 296 O  O    . QVE A 1 17 ? 2.88761   4.53533   18.73605  1.000 22.19980 -1 17 QVE A O    1 
HETATM 297 C  C    . QVE A 1 17 ? 3.38489   5.72370   18.79656  1.000 14.78652 ?  17 QVE A C    1 
HETATM 298 C  CA   . QVE A 1 17 ? 4.86825   6.06707   18.64768  1.000 9.07455  ?  17 QVE A CA   1 
HETATM 299 N  N11  . QVE A 1 17 ? 5.33946   7.28915   18.82598  1.000 11.35375 ?  17 QVE A N11  1 
HETATM 300 C  C7   . QVE A 1 17 ? 6.66767   7.64906   18.75506  1.000 12.78564 ?  17 QVE A C7   1 
HETATM 301 C  C2   . QVE A 1 17 ? 7.16371   9.01416   19.00154  1.000 14.10592 ?  17 QVE A C2   1 
HETATM 302 N  N    . QVE A 1 17 ? 6.33221   10.13172  19.34891  1.000 9.65102  ?  17 QVE A N    1 
HETATM 303 C  C9   . QVE A 1 17 ? 5.78535   5.08047   18.32399  1.000 15.77267 ?  17 QVE A C9   1 
HETATM 304 C  C8   . QVE A 1 17 ? 7.18021   5.44828   18.24506  1.000 18.73920 ?  17 QVE A C8   1 
HETATM 305 O  OB   . QVE A 1 17 ? 8.19650   4.54284   17.92137  1.000 17.14105 ?  17 QVE A OB   1 
HETATM 306 C  CG   . QVE A 1 17 ? 7.67480   3.46583   17.16361  1.000 19.90467 ?  17 QVE A CG   1 
HETATM 307 C  CD   . QVE A 1 17 ? 8.76460   2.57945   17.55853  1.000 18.41548 ?  17 QVE A CD   1 
HETATM 308 O  OE2  . QVE A 1 17 ? 8.72819   1.39636   18.06517  1.000 25.40900 -1 17 QVE A OE2  1 
HETATM 309 O  OE1  . QVE A 1 17 ? 9.78711   3.25389   17.37224  1.000 26.84984 ?  17 QVE A OE1  1 
HETATM 310 C  C6   . QVE A 1 17 ? 7.57604   6.71127   18.51349  1.000 7.14727  ?  17 QVE A C6   1 
HETATM 311 C  C5   . QVE A 1 17 ? 8.88375   7.04644   18.40295  1.000 13.29786 ?  17 QVE A C5   1 
HETATM 312 C  C4   . QVE A 1 17 ? 9.37104   8.35842   18.60031  1.000 16.79450 ?  17 QVE A C4   1 
HETATM 313 C  C3   . QVE A 1 17 ? 8.49814   9.36773   18.94895  1.000 13.98632 ?  17 QVE A C3   1 
HETATM 314 O  OXT  . QVE A 1 17 ? 2.61522   6.64558   19.08500  1.000 11.90781 ?  17 QVE A OXT  1 
HETATM 315 C  C    . V4F B 1 2  ? -2.61900  -19.24691 0.40098   1.000 12.30033 ?  2  V4F F C    1 
HETATM 316 C  CAF  . V4F B 1 2  ? -0.30898  -21.17325 -1.50504  1.000 26.48775 ?  2  V4F F CAF  1 
HETATM 317 C  CAD  . V4F B 1 2  ? -0.94869  -20.38943 -0.60875  1.000 20.09279 ?  2  V4F F CAD  1 
HETATM 318 C  CAE  . V4F B 1 2  ? -2.28616  -20.09001 -0.74219  1.000 14.14220 ?  2  V4F F CAE  1 
HETATM 319 C  CAL  . V4F B 1 2  ? -1.13944  -21.71051 -2.49307  1.000 18.18830 ?  2  V4F F CAL  1 
HETATM 320 C  CAM  . V4F B 1 2  ? -2.47340  -21.41148 -2.53989  1.000 18.39183 ?  2  V4F F CAM  1 
HETATM 321 C  CAJ  . V4F B 1 2  ? -3.23118  -21.92474 -3.58629  1.000 27.60194 ?  2  V4F F CAJ  1 
HETATM 322 C  CAK  . V4F B 1 2  ? -2.56496  -22.74638 -4.54630  1.000 23.26398 ?  2  V4F F CAK  1 
HETATM 323 C  CAG  . V4F B 1 2  ? -1.25307  -23.08445 -4.51079  1.000 15.30420 ?  2  V4F F CAG  1 
HETATM 324 C  CAI  . V4F B 1 2  ? -0.56841  -22.55267 -3.47064  1.000 24.29247 ?  2  V4F F CAI  1 
HETATM 325 C  C01  . V4F B 1 2  ? 2.21582   -20.82893 -1.89572  1.000 24.33093 ?  2  V4F F C01  1 
HETATM 326 C  CA   . V4F B 1 2  ? -4.81879  -21.71985 -3.75184  1.000 14.75161 ?  2  V4F F CA   1 
HETATM 327 N  NAH  . V4F B 1 2  ? -3.03096  -20.58983 -1.64124  1.000 19.80106 ?  2  V4F F NAH  1 
HETATM 328 N  N    . V4F B 1 2  ? -5.34833  -23.08872 -3.64072  1.000 4.68870  ?  2  V4F F N    1 
HETATM 329 O  O    . V4F B 1 2  ? -1.80856  -19.31939 1.35673   1.000 17.69494 ?  2  V4F F O    1 
HETATM 330 O  O01  . V4F B 1 2  ? 1.13088   -21.42879 -1.26678  1.000 25.09598 ?  2  V4F F O01  1 
HETATM 331 O  O3   . V4F B 1 2  ? 4.81000   -22.00482 -1.33150  1.000 16.21126 -1 2  V4F F O3   1 
HETATM 332 O  O2   . V4F B 1 2  ? 3.74091   -22.10810 -3.81475  1.000 41.99635 -1 2  V4F F O2   1 
HETATM 333 O  O1   . V4F B 1 2  ? 3.19752   -23.53718 -1.98742  1.000 38.39022 ?  2  V4F F O1   1 
HETATM 334 P  P    . V4F B 1 2  ? 3.55797   -22.12830 -2.28635  1.000 65.92357 ?  2  V4F F P    1 
HETATM 335 C  C    . V53 B 1 3  ? -7.15552  -18.02707 -3.12579  1.000 11.51102 ?  3  V53 F C    1 
HETATM 336 C  CAF  . V53 B 1 3  ? -7.94041  -16.67465 0.47748   1.000 15.43500 ?  3  V53 F CAF  1 
HETATM 337 C  CAD  . V53 B 1 3  ? -8.11128  -17.04374 -0.90933  1.000 14.89702 ?  3  V53 F CAD  1 
HETATM 338 C  CAJ  . V53 B 1 3  ? -7.10315  -17.68022 -1.59810  1.000 9.65945  ?  3  V53 F CAJ  1 
HETATM 339 C  CAL  . V53 B 1 3  ? -6.79796  -16.92771 1.16780   1.000 8.87456  ?  3  V53 F CAL  1 
HETATM 340 C  CAM  . V53 B 1 3  ? -5.82554  -17.51720 0.49353   1.000 14.20325 ?  3  V53 F CAM  1 
HETATM 341 C  CA   . V53 B 1 3  ? -4.62805  -17.82249 1.24099   1.000 13.63685 ?  3  V53 F CA   1 
HETATM 342 C  CAK  . V53 B 1 3  ? -4.38405  -17.57399 2.57871   1.000 8.26570  ?  3  V53 F CAK  1 
HETATM 343 C  CAG  . V53 B 1 3  ? -5.47083  -16.92603 3.18456   1.000 14.81824 ?  3  V53 F CAG  1 
HETATM 344 C  CAI  . V53 B 1 3  ? -6.65548  -16.58534 2.50443   1.000 11.91298 ?  3  V53 F CAI  1 
HETATM 345 C  C01  . V53 B 1 3  ? -9.12654  -14.74505 0.81390   1.000 15.65434 ?  3  V53 F C01  1 
HETATM 346 N  NAH  . V53 B 1 3  ? -6.01690  -17.83424 -0.83972  1.000 13.62694 ?  3  V53 F NAH  1 
HETATM 347 N  N    . V53 B 1 3  ? -3.64052  -18.46237 0.50938   1.000 9.94968  ?  3  V53 F N    1 
HETATM 348 O  O    . V53 B 1 3  ? -8.15971  -17.70927 -3.74112  1.000 13.55617 ?  3  V53 F O    1 
HETATM 349 O  O01  . V53 B 1 3  ? -8.87354  -16.00045 1.27076   1.000 17.45812 ?  3  V53 F O01  1 
HETATM 350 O  O1   . V53 B 1 3  ? -10.02844 -14.91516 3.37943   1.000 15.84995 ?  3  V53 F O1   1 
HETATM 351 O  O2   . V53 B 1 3  ? -10.92731 -12.99721 2.07431   1.000 22.88467 -1 3  V53 F O2   1 
HETATM 352 O  O3   . V53 B 1 3  ? -11.48527 -15.35072 1.33461   1.000 36.04564 -1 3  V53 F O3   1 
HETATM 353 P  P    . V53 B 1 3  ? -10.45855 -14.45448 2.02329   1.000 30.58756 ?  3  V53 F P    1 
HETATM 354 C  C    . V4F B 1 4  ? -1.99984  -17.19776 -2.70378  1.000 10.78076 ?  4  V4F F C    1 
HETATM 355 C  CAF  . V4F B 1 4  ? -1.44878  -19.27401 -5.80776  1.000 23.60184 ?  4  V4F F CAF  1 
HETATM 356 C  CAD  . V4F B 1 4  ? -1.21849  -18.51276 -4.65288  1.000 19.79102 ?  4  V4F F CAD  1 
HETATM 357 C  CAE  . V4F B 1 4  ? -2.30650  -17.91739 -4.01154  1.000 14.20256 ?  4  V4F F CAE  1 
HETATM 358 C  CAL  . V4F B 1 4  ? -2.75882  -19.47283 -6.19629  1.000 16.54075 ?  4  V4F F CAL  1 
HETATM 359 C  CAM  . V4F B 1 4  ? -3.77258  -18.86985 -5.50985  1.000 19.41435 ?  4  V4F F CAM  1 
HETATM 360 C  CAJ  . V4F B 1 4  ? -5.12698  -19.00675 -5.85976  1.000 19.36162 ?  4  V4F F CAJ  1 
HETATM 361 C  CAK  . V4F B 1 4  ? -5.45680  -19.79422 -6.99043  1.000 14.86067 ?  4  V4F F CAK  1 
HETATM 362 C  CAG  . V4F B 1 4  ? -4.41877  -20.37222 -7.71618  1.000 22.88612 ?  4  V4F F CAG  1 
HETATM 363 C  CAI  . V4F B 1 4  ? -3.07529  -20.20845 -7.35170  1.000 18.61107 ?  4  V4F F CAI  1 
HETATM 364 C  C01  . V4F B 1 4  ? 0.57541   -20.24533 -5.62336  1.000 23.34227 ?  4  V4F F C01  1 
HETATM 365 C  CA   . V4F B 1 4  ? -6.28195  -18.38164 -4.94737  1.000 13.21991 ?  4  V4F F CA   1 
HETATM 366 N  NAH  . V4F B 1 4  ? -3.48084  -18.16606 -4.43868  1.000 18.70569 ?  4  V4F F NAH  1 
HETATM 367 N  N    . V4F B 1 4  ? -6.30510  -18.93207 -3.58617  1.000 11.25156 ?  4  V4F F N    1 
HETATM 368 O  O    . V4F B 1 4  ? -1.00752  -17.72342 -2.13094  1.000 16.81281 ?  4  V4F F O    1 
HETATM 369 O  O01  . V4F B 1 4  ? -0.30508  -19.81017 -6.55627  1.000 20.79689 ?  4  V4F F O01  1 
HETATM 370 O  O3   . V4F B 1 4  ? 3.10939   -19.37473 -5.26294  1.000 27.57138 -1 4  V4F F O3   1 
HETATM 371 O  O2   . V4F B 1 4  ? 1.97222   -19.59653 -7.63658  1.000 35.25583 ?  4  V4F F O2   1 
HETATM 372 O  O1   . V4F B 1 4  ? 2.85334   -21.62326 -6.27722  1.000 26.94006 -1 4  V4F F O1   1 
HETATM 373 P  P    . V4F B 1 4  ? 2.26997   -20.21486 -6.28492  1.000 55.31251 ?  4  V4F F P    1 
HETATM 374 C  C    . V53 B 1 5  ? -7.03766  -14.31396 -4.36189  1.000 17.76226 ?  5  V53 F C    1 
HETATM 375 C  CAF  . V53 B 1 5  ? -6.60408  -13.31919 -0.70399  1.000 17.76342 ?  5  V53 F CAF  1 
HETATM 376 C  CAD  . V53 B 1 5  ? -7.23339  -13.40000 -1.97798  1.000 14.79752 ?  5  V53 F CAD  1 
HETATM 377 C  CAJ  . V53 B 1 5  ? -6.57965  -14.18797 -2.91863  1.000 14.71954 ?  5  V53 F CAJ  1 
HETATM 378 C  CAL  . V53 B 1 5  ? -5.40012  -13.99592 -0.49980  1.000 11.18067 ?  5  V53 F CAL  1 
HETATM 379 C  CAM  . V53 B 1 5  ? -4.77815  -14.76553 -1.44567  1.000 15.51718 ?  5  V53 F CAM  1 
HETATM 380 C  CA   . V53 B 1 5  ? -3.50741  -15.47200 -1.13430  1.000 12.26091 ?  5  V53 F CA   1 
HETATM 381 C  CAK  . V53 B 1 5  ? -2.92494  -15.35451 0.10252   1.000 7.58287  ?  5  V53 F CAK  1 
HETATM 382 C  CAG  . V53 B 1 5  ? -3.62097  -14.60369 1.07195   1.000 25.77984 ?  5  V53 F CAG  1 
HETATM 383 C  CAI  . V53 B 1 5  ? -4.85461  -13.94893 0.78215   1.000 20.73428 ?  5  V53 F CAI  1 
HETATM 384 C  C01  . V53 B 1 5  ? -8.09296  -11.48957 0.35933   1.000 22.62411 ?  5  V53 F C01  1 
HETATM 385 N  NAH  . V53 B 1 5  ? -5.41166  -14.80707 -2.66012  1.000 14.52670 ?  5  V53 F NAH  1 
HETATM 386 N  N    . V53 B 1 5  ? -2.70486  -16.25796 -2.07482  1.000 10.66139 ?  5  V53 F N    1 
HETATM 387 O  O    . V53 B 1 5  ? -8.03654  -13.70836 -4.78622  1.000 23.10449 ?  5  V53 F O    1 
HETATM 388 O  O01  . V53 B 1 5  ? -7.15341  -12.59908 0.44865   1.000 27.72252 ?  5  V53 F O01  1 
HETATM 389 O  O1   . V53 B 1 5  ? -8.53644  -11.40444 3.15917   1.000 23.57729 -1 5  V53 F O1   1 
HETATM 390 O  O2   . V53 B 1 5  ? -6.73053  -9.90859  2.21561   1.000 31.63961 ?  5  V53 F O2   1 
HETATM 391 O  O3   . V53 B 1 5  ? -9.07155  -9.28231  1.93060   1.000 26.58615 -1 5  V53 F O3   1 
HETATM 392 P  P    . V53 B 1 5  ? -8.12357  -10.50437 1.95994   1.000 44.33536 ?  5  V53 F P    1 
HETATM 393 C  C    . V4F B 1 6  ? -1.62780  -14.68723 -5.14678  1.000 24.30239 ?  6  V4F F C    1 
HETATM 394 C  CAF  . V4F B 1 6  ? -2.36713  -16.90378 -7.89919  1.000 25.09811 ?  6  V4F F CAF  1 
HETATM 395 C  CAD  . V4F B 1 6  ? -1.74591  -16.16556 -6.94293  1.000 12.05467 ?  6  V4F F CAD  1 
HETATM 396 C  CAE  . V4F B 1 6  ? -2.50758  -15.30501 -6.21696  1.000 17.20594 ?  6  V4F F CAE  1 
HETATM 397 C  CAL  . V4F B 1 6  ? -3.76887  -16.78533 -7.99486  1.000 14.45600 ?  6  V4F F CAL  1 
HETATM 398 C  CAM  . V4F B 1 6  ? -4.46587  -15.94307 -7.20281  1.000 21.79257 ?  6  V4F F CAM  1 
HETATM 399 C  CAJ  . V4F B 1 6  ? -5.89056  -15.77531 -7.32118  1.000 31.21617 ?  6  V4F F CAJ  1 
HETATM 400 C  CAK  . V4F B 1 6  ? -6.61116  -16.52294 -8.31212  1.000 19.97848 ?  6  V4F F CAK  1 
HETATM 401 C  CAG  . V4F B 1 6  ? -5.89327  -17.38673 -9.13263  1.000 19.19140 ?  6  V4F F CAG  1 
HETATM 402 C  CAI  . V4F B 1 6  ? -4.51001  -17.47874 -8.96784  1.000 17.08060 ?  6  V4F F CAI  1 
HETATM 403 C  C01  . V4F B 1 6  ? -1.34102  -17.59095 -10.06851 1.000 24.92950 ?  6  V4F F C01  1 
HETATM 404 C  CA   . V4F B 1 6  ? -6.72977  -14.82324 -6.33591  1.000 14.75212 ?  6  V4F F CA   1 
HETATM 405 N  NAH  . V4F B 1 6  ? -3.78313  -15.25332 -6.31209  1.000 24.74713 ?  6  V4F F NAH  1 
HETATM 406 N  N    . V4F B 1 6  ? -6.48964  -15.33165 -4.97307  1.000 18.51449 ?  6  V4F F N    1 
HETATM 407 O  O    . V4F B 1 6  ? -0.49714  -15.37348 -4.96902  1.000 19.38692 ?  6  V4F F O    1 
HETATM 408 O  O01  . V4F B 1 6  ? -1.41195  -17.75921 -8.69443  1.000 27.39922 ?  6  V4F F O01  1 
HETATM 409 O  O3   . V4F B 1 6  ? 0.95260   -18.99433 -10.20319 1.000 28.23884 -1 6  V4F F O3   1 
HETATM 410 O  O2   . V4F B 1 6  ? -0.72519  -19.08895 -12.28393 1.000 33.71994 ?  6  V4F F O2   1 
HETATM 411 O  O1   . V4F B 1 6  ? -1.09761  -20.40848 -10.31539 1.000 52.29097 -1 6  V4F F O1   1 
HETATM 412 P  P    . V4F B 1 6  ? -0.49241  -19.08582 -10.76889 1.000 64.25055 ?  6  V4F F P    1 
HETATM 413 C  C    . V53 B 1 7  ? -6.17866  -10.60870 -4.35530  1.000 15.75836 ?  7  V53 F C    1 
HETATM 414 C  CAF  . V53 B 1 7  ? -3.97175  -10.31992 -1.22497  1.000 24.88976 ?  7  V53 F CAF  1 
HETATM 415 C  CAD  . V53 B 1 7  ? -5.09003  -10.07888 -2.09021  1.000 17.16136 ?  7  V53 F CAD  1 
HETATM 416 C  CAJ  . V53 B 1 7  ? -5.14112  -10.82545 -3.27572  1.000 14.00858 ?  7  V53 F CAJ  1 
HETATM 417 C  CAL  . V53 B 1 7  ? -2.95873  -11.29033 -1.56739  1.000 17.69381 ?  7  V53 F CAL  1 
HETATM 418 C  CAM  . V53 B 1 7  ? -3.03426  -11.95465 -2.75595  1.000 13.25235 ?  7  V53 F CAM  1 
HETATM 419 C  CA   . V53 B 1 7  ? -1.99227  -12.89389 -3.08292  1.000 14.36576 ?  7  V53 F CA   1 
HETATM 420 C  CAK  . V53 B 1 7  ? -0.88553  -13.14403 -2.23304  1.000 13.26401 ?  7  V53 F CAK  1 
HETATM 421 C  CAG  . V53 B 1 7  ? -0.84608  -12.43774 -1.05800  1.000 12.77397 ?  7  V53 F CAG  1 
HETATM 422 C  CAI  . V53 B 1 7  ? -1.86834  -11.53819 -0.71584  1.000 13.45720 ?  7  V53 F CAI  1 
HETATM 423 C  C01  . V53 B 1 7  ? -2.93238  -8.74636  0.47907   1.000 20.66877 ?  7  V53 F C01  1 
HETATM 424 N  NAH  . V53 B 1 7  ? -4.09825  -11.64260 -3.55253  1.000 14.72275 ?  7  V53 F NAH  1 
HETATM 425 N  N    . V53 B 1 7  ? -1.93532  -13.65884 -4.32509  1.000 15.96945 ?  7  V53 F N    1 
HETATM 426 O  O    . V53 B 1 7  ? -7.09585  -9.70850  -4.28913  1.000 24.24873 ?  7  V53 F O    1 
HETATM 427 O  O01  . V53 B 1 7  ? -3.91407  -9.63826  0.03400   1.000 29.98098 ?  7  V53 F O01  1 
HETATM 428 O  O1   . V53 B 1 7  ? -3.87046  -9.93465  2.96268   1.000 29.88015 ?  7  V53 F O1   1 
HETATM 429 O  O2   . V53 B 1 7  ? -1.53835  -9.91828  2.59012   1.000 40.45086 -1 7  V53 F O2   1 
HETATM 430 O  O3   . V53 B 1 7  ? -2.87128  -7.76651  3.00202   1.000 46.20616 -1 7  V53 F O3   1 
HETATM 431 P  P    . V53 B 1 7  ? -2.80611  -9.11420  2.31352   1.000 48.52489 ?  7  V53 F P    1 
HETATM 432 C  C    . V4F B 1 8  ? -1.88248  -12.05948 -7.30395  1.000 18.66043 ?  8  V4F F C    1 
HETATM 433 C  CAF  . V4F B 1 8  ? -4.46638  -13.09579 -9.89686  1.000 29.74708 ?  8  V4F F CAF  1 
HETATM 434 C  CAD  . V4F B 1 8  ? -3.23646  -12.89088 -9.22482  1.000 20.91643 ?  8  V4F F CAD  1 
HETATM 435 C  CAE  . V4F B 1 8  ? -3.27530  -12.21050 -7.99392  1.000 21.87771 ?  8  V4F F CAE  1 
HETATM 436 C  CAL  . V4F B 1 8  ? -5.65739  -12.70834 -9.36636  1.000 18.74735 ?  8  V4F F CAL  1 
HETATM 437 C  CAM  . V4F B 1 8  ? -5.64191  -12.08632 -8.14048  1.000 24.53701 ?  8  V4F F CAM  1 
HETATM 438 C  CAJ  . V4F B 1 8  ? -6.88070  -11.67004 -7.65363  1.000 23.92360 ?  8  V4F F CAJ  1 
HETATM 439 C  CAK  . V4F B 1 8  ? -8.03973  -11.96119 -8.44646  1.000 31.94935 ?  8  V4F F CAK  1 
HETATM 440 C  CAG  . V4F B 1 8  ? -8.02250  -12.62516 -9.73677  1.000 17.68297 ?  8  V4F F CAG  1 
HETATM 441 C  CAI  . V4F B 1 8  ? -6.78816  -12.96718 -10.17060 1.000 12.52129 ?  8  V4F F CAI  1 
HETATM 442 C  C01  . V4F B 1 8  ? -4.04186  -14.95227 -11.28982 1.000 23.68263 ?  8  V4F F C01  1 
HETATM 443 C  CA   . V4F B 1 8  ? -7.02015  -10.97300 -6.25533  1.000 18.51872 ?  8  V4F F CA   1 
HETATM 444 N  NAH  . V4F B 1 8  ? -4.45901  -11.89199 -7.50733  1.000 23.44981 ?  8  V4F F NAH  1 
HETATM 445 N  N    . V4F B 1 8  ? -6.18898  -11.61600 -5.20395  1.000 19.18263 ?  8  V4F F N    1 
HETATM 446 O  O    . V4F B 1 8  ? -0.96116  -12.83403 -7.71240  1.000 22.31488 ?  8  V4F F O    1 
HETATM 447 O  O01  . V4F B 1 8  ? -4.61864  -13.72683 -11.19036 1.000 35.06061 ?  8  V4F F O01  1 
HETATM 448 O  O3   . V4F B 1 8  ? -4.16278  -16.12396 -13.52686 1.000 52.94175 ?  8  V4F F O3   1 
HETATM 449 O  O2   . V4F B 1 8  ? -3.35924  -13.84152 -13.88338 1.000 19.32539 -1 8  V4F F O2   1 
HETATM 450 O  O1   . V4F B 1 8  ? -1.81724  -15.53937 -12.76048 1.000 24.83355 -1 8  V4F F O1   1 
HETATM 451 P  P    . V4F B 1 8  ? -3.30788  -15.06672 -12.95570 1.000 25.95506 ?  8  V4F F P    1 
HETATM 452 C  C    . V53 B 1 9  ? -4.56643  -7.26610  -5.21521  1.000 18.42701 ?  9  V53 F C    1 
HETATM 453 C  CAF  . V53 B 1 9  ? -1.76984  -7.82693  -2.81521  1.000 17.73943 ?  9  V53 F CAF  1 
HETATM 454 C  CAD  . V53 B 1 9  ? -2.92524  -7.27403  -3.36700  1.000 15.80609 ?  9  V53 F CAD  1 
HETATM 455 C  CAJ  . V53 B 1 9  ? -3.40893  -7.89168  -4.49649  1.000 15.26403 ?  9  V53 F CAJ  1 
HETATM 456 C  CAL  . V53 B 1 9  ? -1.15324  -8.89606  -3.43155  1.000 12.62652 ?  9  V53 F CAL  1 
HETATM 457 C  CAM  . V53 B 1 9  ? -1.63270  -9.42578  -4.57229  1.000 14.77291 ?  9  V53 F CAM  1 
HETATM 458 C  CA   . V53 B 1 9  ? -1.00426  -10.54282 -5.15791  1.000 13.38675 ?  9  V53 F CA   1 
HETATM 459 C  CAK  . V53 B 1 9  ? 0.09741   -11.10323 -4.60645  1.000 9.79144  ?  9  V53 F CAK  1 
HETATM 460 C  CAG  . V53 B 1 9  ? 0.52580   -10.47629 -3.45207  1.000 20.08984 ?  9  V53 F CAG  1 
HETATM 461 C  CAI  . V53 B 1 9  ? -0.05307  -9.39160  -2.82262  1.000 13.67899 ?  9  V53 F CAI  1 
HETATM 462 C  C01  . V53 B 1 9  ? -1.34195  -6.02973  -1.16717  1.000 22.87519 ?  9  V53 F C01  1 
HETATM 463 N  NAH  . V53 B 1 9  ? -2.74928  -8.87887  -5.10522  1.000 17.27335 ?  9  V53 F NAH  1 
HETATM 464 N  N    . V53 B 1 9  ? -1.53738  -11.16441 -6.36870  1.000 19.18687 ?  9  V53 F N    1 
HETATM 465 O  O    . V53 B 1 9  ? -4.91709  -6.17489  -4.80891  1.000 24.06867 ?  9  V53 F O    1 
HETATM 466 O  O01  . V53 B 1 9  ? -1.12410  -7.36064  -1.65173  1.000 23.88246 ?  9  V53 F O01  1 
HETATM 467 O  O1   . V53 B 1 9  ? -0.72913  -6.91902  1.38134   1.000 22.80609 -1 9  V53 F O1   1 
HETATM 468 O  O2   . V53 B 1 9  ? 1.09877   -6.37412  -0.16617  1.000 29.43234 -1 9  V53 F O2   1 
HETATM 469 O  O3   . V53 B 1 9  ? -0.15987  -4.50214  0.95674   1.000 22.93705 ?  9  V53 F O3   1 
HETATM 470 P  P    . V53 B 1 9  ? -0.24667  -5.88589  0.35736   1.000 38.72694 ?  9  V53 F P    1 
HETATM 471 C  C    . V4F B 1 10 ? -2.20577  -9.26744  -9.09755  1.000 26.71713 ?  10 V4F F C    1 
HETATM 472 C  CAF  . V4F B 1 10 ? -5.37604  -9.52367  -10.90340 1.000 34.58551 ?  10 V4F F CAF  1 
HETATM 473 C  CAD  . V4F B 1 10 ? -4.05736  -9.66120  -10.54580 1.000 23.40502 ?  10 V4F F CAD  1 
HETATM 474 C  CAE  . V4F B 1 10 ? -3.63973  -9.00336  -9.42464  1.000 18.63786 ?  10 V4F F CAE  1 
HETATM 475 C  CAL  . V4F B 1 10 ? -6.20750  -8.78084  -10.06951 1.000 19.75728 ?  10 V4F F CAL  1 
HETATM 476 C  CAM  . V4F B 1 10 ? -5.70474  -8.23183  -8.92496  1.000 26.33083 ?  10 V4F F CAM  1 
HETATM 477 C  CAJ  . V4F B 1 10 ? -6.49752  -7.46951  -8.04942  1.000 25.85923 ?  10 V4F F CAJ  1 
HETATM 478 C  CAK  . V4F B 1 10 ? -7.84155  -7.27747  -8.33880  1.000 19.88567 ?  10 V4F F CAK  1 
HETATM 479 C  CAG  . V4F B 1 10 ? -8.29575  -7.89690  -9.51307  1.000 17.91154 ?  10 V4F F CAG  1 
HETATM 480 C  CAI  . V4F B 1 10 ? -7.53699  -8.60796  -10.36460 1.000 12.74846 ?  10 V4F F CAI  1 
HETATM 481 C  C01  . V4F B 1 10 ? -4.96897  -11.11266 -12.61934 1.000 19.03866 ?  10 V4F F C01  1 
HETATM 482 C  CA   . V4F B 1 10 ? -5.87402  -6.89154  -6.75568  1.000 12.84512 ?  10 V4F F CA   1 
HETATM 483 N  NAH  . V4F B 1 10 ? -4.41767  -8.39905  -8.66379  1.000 22.25938 ?  10 V4F F NAH  1 
HETATM 484 N  N    . V4F B 1 10 ? -5.27552  -8.02844  -6.03255  1.000 17.71149 ?  10 V4F F N    1 
HETATM 485 O  O    . V4F B 1 10 ? -1.84985  -10.40101 -9.53772  1.000 34.98082 ?  10 V4F F O    1 
HETATM 486 O  O01  . V4F B 1 10 ? -5.84576  -10.18680 -12.11362 1.000 34.28771 ?  10 V4F F O01  1 
HETATM 487 O  O3   . V4F B 1 10 ? -4.62781  -12.12693 -15.07535 1.000 26.17341 -1 10 V4F F O3   1 
HETATM 488 O  O2   . V4F B 1 10 ? -5.69921  -9.92503  -15.09211 1.000 52.79065 -1 10 V4F F O2   1 
HETATM 489 O  O1   . V4F B 1 10 ? -7.07929  -11.64601 -14.21223 1.000 20.32320 ?  10 V4F F O1   1 
HETATM 490 P  P    . V4F B 1 10 ? -5.64034  -11.22107 -14.33603 1.000 41.78081 ?  10 V4F F P    1 
HETATM 491 C  C    . V53 B 1 11 ? -3.17282  -3.99596  -6.36472  1.000 22.21213 ?  11 V53 F C    1 
HETATM 492 C  CAF  . V53 B 1 11 ? 0.03835   -5.26043  -4.87666  1.000 18.84156 ?  11 V53 F CAF  1 
HETATM 493 C  CAD  . V53 B 1 11 ? -1.08825  -4.43334  -5.12941  1.000 14.49013 ?  11 V53 F CAD  1 
HETATM 494 C  CAJ  . V53 B 1 11 ? -1.93026  -4.84838  -6.13791  1.000 11.98943 ?  11 V53 F CAJ  1 
HETATM 495 C  CAL  . V53 B 1 11 ? 0.24467   -6.48173  -5.66565  1.000 12.97904 ?  11 V53 F CAL  1 
HETATM 496 C  CAM  . V53 B 1 11 ? -0.63964  -6.82610  -6.61624  1.000 14.53048 ?  11 V53 F CAM  1 
HETATM 497 C  CA   . V53 B 1 11 ? -0.47096  -8.01650  -7.38225  1.000 14.33616 ?  11 V53 F CA   1 
HETATM 498 C  CAK  . V53 B 1 11 ? 0.61199   -8.82601  -7.24809  1.000 14.80411 ?  11 V53 F CAK  1 
HETATM 499 C  CAG  . V53 B 1 11 ? 1.51201   -8.48521  -6.25761  1.000 16.83075 ?  11 V53 F CAG  1 
HETATM 500 C  CAI  . V53 B 1 11 ? 1.30720   -7.34512  -5.49856  1.000 12.65695 ?  11 V53 F CAI  1 
HETATM 501 C  C01  . V53 B 1 11 ? 2.30440   -4.96171  -3.90988  1.000 17.18088 ?  11 V53 F C01  1 
HETATM 502 N  NAH  . V53 B 1 11 ? -1.68401  -5.97356  -6.78694  1.000 14.55149 ?  11 V53 F NAH  1 
HETATM 503 N  N    . V53 B 1 11 ? -1.35790  -8.46933  -8.42751  1.000 20.09972 ?  11 V53 F N    1 
HETATM 504 O  O    . V53 B 1 11 ? -3.40741  -3.04488  -5.50221  1.000 18.98185 ?  11 V53 F O    1 
HETATM 505 O  O01  . V53 B 1 11 ? 0.91501   -4.78856  -3.84048  1.000 18.88920 ?  11 V53 F O01  1 
HETATM 506 O  O1   . V53 B 1 11 ? 1.77757   -4.62155  -1.19066  1.000 34.28258 ?  11 V53 F O1   1 
HETATM 507 O  O2   . V53 B 1 11 ? 4.23287   -4.78305  -1.98262  1.000 37.06545 -1 11 V53 F O2   1 
HETATM 508 O  O3   . V53 B 1 11 ? 2.53617   -2.81836  -2.22019  1.000 18.61990 -1 11 V53 F O3   1 
HETATM 509 P  P    . V53 B 1 11 ? 2.78916   -4.30287  -2.26944  1.000 41.72396 ?  11 V53 F P    1 
HETATM 510 C  C    . V4F B 1 12 ? -2.47863  -6.34771  -11.20079 1.000 21.39720 ?  12 V4F F C    1 
HETATM 511 C  CAF  . V4F B 1 12 ? -6.13862  -5.88861  -11.70479 1.000 28.10362 ?  12 V4F F CAF  1 
HETATM 512 C  CAD  . V4F B 1 12 ? -4.79224  -6.23116  -11.82325 1.000 23.59539 ?  12 V4F F CAD  1 
HETATM 513 C  CAE  . V4F B 1 12 ? -3.83806  -5.80012  -10.87416 1.000 24.71323 ?  12 V4F F CAE  1 
HETATM 514 C  CAL  . V4F B 1 12 ? -6.45634  -5.14113  -10.63324 1.000 20.90385 ?  12 V4F F CAL  1 
HETATM 515 C  CAM  . V4F B 1 12 ? -5.50339  -4.72311  -9.67700  1.000 22.75329 ?  12 V4F F CAM  1 
HETATM 516 C  CAJ  . V4F B 1 12 ? -5.98214  -3.95959  -8.58718  1.000 31.39457 ?  12 V4F F CAJ  1 
HETATM 517 C  CAK  . V4F B 1 12 ? -7.36826  -3.62176  -8.46602  1.000 24.33693 ?  12 V4F F CAK  1 
HETATM 518 C  CAG  . V4F B 1 12 ? -8.24167  -4.10369  -9.45517  1.000 24.17719 ?  12 V4F F CAG  1 
HETATM 519 C  CAI  . V4F B 1 12 ? -7.81637  -4.86361  -10.53814 1.000 17.62289 ?  12 V4F F CAI  1 
HETATM 520 C  C01  . V4F B 1 12 ? -7.42501  -5.92910  -13.90675 1.000 35.54469 ?  12 V4F F C01  1 
HETATM 521 C  CA   . V4F B 1 12 ? -5.10613  -3.37372  -7.46947  1.000 18.65913 ?  12 V4F F CA   1 
HETATM 522 N  NAH  . V4F B 1 12 ? -4.22537  -5.07711  -9.83649  1.000 21.66536 ?  12 V4F F NAH  1 
HETATM 523 N  N    . V4F B 1 12 ? -4.02035  -4.21033  -7.38596  1.000 16.61949 ?  12 V4F F N    1 
HETATM 524 O  O    . V4F B 1 12 ? -2.50583  -7.31946  -11.98729 1.000 33.88244 ?  12 V4F F O    1 
HETATM 525 O  O01  . V4F B 1 12 ? -7.26171  -6.28932  -12.56251 1.000 41.26031 ?  12 V4F F O01  1 
HETATM 526 O  O3   . V4F B 1 12 ? -7.15079  -8.33612  -15.22207 1.000 43.65253 -1 12 V4F F O3   1 
HETATM 527 O  O2   . V4F B 1 12 ? -8.91207  -6.93709  -16.13633 1.000 55.42356 ?  12 V4F F O2   1 
HETATM 528 O  O1   . V4F B 1 12 ? -9.44560  -7.77745  -14.02190 1.000 10.07200 -1 12 V4F F O1   1 
HETATM 529 P  P    . V4F B 1 12 ? -8.27890  -7.31771  -14.84238 1.000 65.66460 ?  12 V4F F P    1 
HETATM 530 C  C    . V53 B 1 13 ? -0.71665  -1.78625  -7.53145  1.000 11.20033 ?  13 V53 F C    1 
HETATM 531 C  CAF  . V53 B 1 13 ? 2.02928   -4.15504  -7.59322  1.000 16.41630 ?  13 V53 F CAF  1 
HETATM 532 C  CAD  . V53 B 1 13 ? 1.11344   -3.09750  -7.41832  1.000 20.36143 ?  13 V53 F CAD  1 
HETATM 533 C  CAJ  . V53 B 1 13 ? -0.15100  -3.04862  -8.08657  1.000 17.48291 ?  13 V53 F CAJ  1 
HETATM 534 C  CAL  . V53 B 1 13 ? 1.61751   -5.12956  -8.53677  1.000 8.04790  ?  13 V53 F CAL  1 
HETATM 535 C  CAM  . V53 B 1 13 ? 0.38564   -5.04795  -9.18801  1.000 14.56272 ?  13 V53 F CAM  1 
HETATM 536 C  CA   . V53 B 1 13 ? -0.03677  -6.06506  -10.11639 1.000 21.27710 ?  13 V53 F CA   1 
HETATM 537 C  CAK  . V53 B 1 13 ? 0.75933   -7.17070  -10.47066 1.000 19.10766 ?  13 V53 F CAK  1 
HETATM 538 C  CAG  . V53 B 1 13 ? 2.01273   -7.19097  -9.78453  1.000 22.71892 ?  13 V53 F CAG  1 
HETATM 539 C  CAI  . V53 B 1 13 ? 2.41948   -6.19466  -8.83127  1.000 15.91106 ?  13 V53 F CAI  1 
HETATM 540 C  C01  . V53 B 1 13 ? 4.46380   -3.76457  -7.39203  1.000 39.49632 ?  13 V53 F C01  1 
HETATM 541 N  NAH  . V53 B 1 13 ? -0.49187  -4.02053  -8.96236  1.000 18.16008 ?  13 V53 F NAH  1 
HETATM 542 N  N    . V53 B 1 13 ? -1.31671  -5.93843  -10.72184 1.000 15.20643 ?  13 V53 F N    1 
HETATM 543 O  O    . V53 B 1 13 ? 0.06511   -1.40530  -6.67178  1.000 24.50742 ?  13 V53 F O    1 
HETATM 544 O  O01  . V53 B 1 13 ? 3.22976   -4.08886  -6.79215  1.000 19.89788 ?  13 V53 F O01  1 
HETATM 545 O  O1   . V53 B 1 13 ? 5.49525   -5.16835  -5.31840  1.000 35.82288 -1 13 V53 F O1   1 
HETATM 546 O  O2   . V53 B 1 13 ? 7.19017   -3.99760  -6.62545  1.000 56.08003 -1 13 V53 F O2   1 
HETATM 547 O  O3   . V53 B 1 13 ? 5.67726   -2.65907  -5.26716  1.000 24.96570 ?  13 V53 F O3   1 
HETATM 548 P  P    . V53 B 1 13 ? 5.76380   -3.89537  -6.09297  1.000 41.49777 ?  13 V53 F P    1 
HETATM 549 C  C    . V5F B 1 14 ? -3.71865  -2.05629  -12.34920 1.000 13.85820 ?  14 V5F F C    1 
HETATM 550 C  C6   . V5F B 1 14 ? -3.95052  -1.04272  -11.20007 1.000 14.52551 ?  14 V5F F C6   1 
HETATM 551 C  C2   . V5F B 1 14 ? -4.11389  1.27851   -9.49230  1.000 9.28789  ?  14 V5F F C2   1 
HETATM 552 C  C1   . V5F B 1 14 ? -3.32425  0.14590   -9.26234  1.000 13.62157 ?  14 V5F F C1   1 
HETATM 553 C  CA   . V5F B 1 14 ? -2.59091  0.12923   -8.10276  1.000 15.67160 ?  14 V5F F CA   1 
HETATM 554 C  C5   . V5F B 1 14 ? -2.73120  1.18004   -7.19179  1.000 13.92346 ?  14 V5F F C5   1 
HETATM 555 C  C4   . V5F B 1 14 ? -3.58678  2.25842   -7.38603  1.000 9.59163  ?  14 V5F F C4   1 
HETATM 556 C  C3   . V5F B 1 14 ? -4.24647  2.31609   -8.56089  1.000 7.61842  ?  14 V5F F C3   1 
HETATM 557 C  CB   . V5F B 1 14 ? -5.36562  -1.20935  -10.61449 1.000 15.37887 ?  14 V5F F CB   1 
HETATM 558 N  N    . V5F B 1 14 ? -1.75488  -1.04281  -7.89767  1.000 12.05908 ?  14 V5F F N    1 
HETATM 559 O  O    . V5F B 1 14 ? -4.76109  -2.53958  -12.85608 1.000 21.59984 ?  14 V5F F O    1 
HETATM 560 O  O1   . V5F B 1 14 ? -3.14852  -1.01080  -10.08707 1.000 13.66914 ?  14 V5F F O1   1 
HETATM 561 N  N    . VNW B 1 15 ? -2.57373  -2.44854  -12.86269 1.000 12.61123 ?  15 VNW F N    1 
HETATM 562 C  CA   . VNW B 1 15 ? 1.20222   -3.22923  -11.63657 1.000 16.17539 ?  15 VNW F CA   1 
HETATM 563 C  C    . VNW B 1 15 ? 1.88804   -2.42020  -10.60080 1.000 19.97051 ?  15 VNW F C    1 
HETATM 564 O  O    . VNW B 1 15 ? 2.79206   -3.06235  -10.05298 1.000 18.92833 ?  15 VNW F O    1 
HETATM 565 N  NB   . VNW B 1 15 ? 0.01372   -3.05467  -12.05871 1.000 14.82761 ?  15 VNW F NB   1 
HETATM 566 C  CG   . VNW B 1 15 ? -0.46910  -3.75550  -13.03725 1.000 16.09794 ?  15 VNW F CG   1 
HETATM 567 C  CD   . VNW B 1 15 ? -1.79374  -3.51846  -13.44965 1.000 19.84307 ?  15 VNW F CD   1 
HETATM 568 C  C06  . VNW B 1 15 ? 0.29782   -4.71847  -13.56550 1.000 17.46247 ?  15 VNW F C06  1 
HETATM 569 C  C07  . VNW B 1 15 ? -0.23861  -5.54595  -14.56137 1.000 27.89489 ?  15 VNW F C07  1 
HETATM 570 C  C08  . VNW B 1 15 ? -1.57107  -5.30059  -14.98856 1.000 26.52784 ?  15 VNW F C08  1 
HETATM 571 C  C09  . VNW B 1 15 ? -2.34201  -4.30171  -14.42947 1.000 18.17865 ?  15 VNW F C09  1 
HETATM 572 C  C12  . VNW B 1 15 ? 1.57113   -4.97638  -13.10111 1.000 21.52049 ?  15 VNW F C12  1 
HETATM 573 C  C14  . VNW B 1 15 ? 4.38123   -6.43813  -12.84865 1.000 0.00008  ?  15 VNW F C14  1 
HETATM 574 C  C15  . VNW B 1 15 ? 2.05464   -4.18215  -12.11592 1.000 13.91454 ?  15 VNW F C15  1 
HETATM 575 SE SE1  . VNW B 1 15 ? 2.67492   -6.43243  -13.85490 1.000 48.43397 ?  15 VNW F SE1  1 
HETATM 576 C  C    . 9JV B 1 16 ? -1.89811  1.56728   -12.54915 1.000 12.68047 ?  16 9JV F C    1 
HETATM 577 C  C76  . 9JV B 1 16 ? -0.41755  3.15033   -9.57114  1.000 16.23586 ?  16 9JV F C76  1 
HETATM 578 C  C77  . 9JV B 1 16 ? -1.21396  2.86290   -10.73800 1.000 8.69707  ?  16 9JV F C77  1 
HETATM 579 C  CA   . 9JV B 1 16 ? -1.00068  1.69089   -11.43646 1.000 6.80823  ?  16 9JV F CA   1 
HETATM 580 C  C79  . 9JV B 1 16 ? 1.37060   2.31126   -8.14921  1.000 9.11732  ?  16 9JV F C79  1 
HETATM 581 C  C80  . 9JV B 1 16 ? 0.55177   2.15025   -9.25161  1.000 12.07834 ?  16 9JV F C80  1 
HETATM 582 C  C81  . 9JV B 1 16 ? 0.65288   1.00146   -9.99591  1.000 15.11830 ?  16 9JV F C81  1 
HETATM 583 C  C82  . 9JV B 1 16 ? 1.58614   0.04424   -9.58446  1.000 17.52887 ?  16 9JV F C82  1 
HETATM 584 C  C83  . 9JV B 1 16 ? 2.41418   0.21452   -8.47389  1.000 15.22960 ?  16 9JV F C83  1 
HETATM 585 C  C84  . 9JV B 1 16 ? 2.29336   1.37020   -7.76204  1.000 8.97845  ?  16 9JV F C84  1 
HETATM 586 N  N2   . 9JV B 1 16 ? -0.13859  0.76588   -11.08146 1.000 13.59584 ?  16 9JV F N2   1 
HETATM 587 N  N    . 9JV B 1 16 ? 1.67816   -1.14170  -10.34924 1.000 11.23968 ?  16 9JV F N    1 
HETATM 588 O  O    . 9JV B 1 16 ? -2.96681  2.12573   -12.27952 1.000 43.33984 ?  16 9JV F O    1 
HETATM 589 O  O15  . 9JV B 1 16 ? -0.40734  4.40545   -8.82172  1.000 10.39582 ?  16 9JV F O15  1 
HETATM 590 C  C103 . 9JV B 1 16 ? -1.05703  4.77872   -7.63772  1.000 9.22806  ?  16 9JV F C103 1 
HETATM 591 O  O    . QVE B 1 17 ? 2.97857   -1.38209  -13.46445 1.000 28.05037 -1 17 QVE F O    1 
HETATM 592 C  C    . QVE B 1 17 ? 2.46325   -1.99309  -14.43832 1.000 17.34259 ?  17 QVE F C    1 
HETATM 593 C  CA   . QVE B 1 17 ? 1.14040   -1.74302  -15.01396 1.000 11.55870 ?  17 QVE F CA   1 
HETATM 594 N  N11  . QVE B 1 17 ? 0.21064   -0.91323  -14.66788 1.000 16.10271 ?  17 QVE F N11  1 
HETATM 595 C  C7   . QVE B 1 17 ? -0.94732  -0.79141  -15.32291 1.000 14.84756 ?  17 QVE F C7   1 
HETATM 596 C  C2   . QVE B 1 17 ? -1.91542  0.11214   -14.87501 1.000 16.44866 ?  17 QVE F C2   1 
HETATM 597 N  N    . QVE B 1 17 ? -1.71085  0.90540   -13.69100 1.000 18.68768 ?  17 QVE F N    1 
HETATM 598 C  C9   . QVE B 1 17 ? 1.01379   -2.48581  -16.07425 1.000 17.51971 ?  17 QVE F C9   1 
HETATM 599 C  C8   . QVE B 1 17 ? -0.13405  -2.45954  -16.82006 1.000 27.34445 ?  17 QVE F C8   1 
HETATM 600 O  OB   . QVE B 1 17 ? -0.08787  -3.34075  -17.96375 1.000 35.10034 ?  17 QVE F OB   1 
HETATM 601 C  CG   . QVE B 1 17 ? 1.15089   -3.08448  -18.68644 1.000 27.60401 ?  17 QVE F CG   1 
HETATM 602 C  CD   . QVE B 1 17 ? 1.78115   -4.44010  -18.76139 1.000 26.48932 ?  17 QVE F CD   1 
HETATM 603 O  OE2  . QVE B 1 17 ? 1.97462   -4.99664  -17.62035 1.000 24.42799 -1 17 QVE F OE2  1 
HETATM 604 O  OE1  . QVE B 1 17 ? 2.03325   -4.95088  -19.90592 1.000 25.78721 ?  17 QVE F OE1  1 
HETATM 605 C  C6   . QVE B 1 17 ? -1.15921  -1.53708  -16.42244 1.000 20.52621 ?  17 QVE F C6   1 
HETATM 606 C  C5   . QVE B 1 17 ? -2.37587  -1.35352  -17.11172 1.000 25.07078 ?  17 QVE F C5   1 
HETATM 607 C  C4   . QVE B 1 17 ? -3.34371  -0.43930  -16.63191 1.000 18.00675 ?  17 QVE F C4   1 
HETATM 608 C  C3   . QVE B 1 17 ? -3.11113  0.30308   -15.50939 1.000 14.66185 ?  17 QVE F C3   1 
HETATM 609 O  OXT  . QVE B 1 17 ? 3.10277   -2.83181  -15.08203 1.000 18.89479 ?  17 QVE F OXT  1 
# 
